data_9KWB
#
_entry.id   9KWB
#
_cell.length_a   1.00
_cell.length_b   1.00
_cell.length_c   1.00
_cell.angle_alpha   90.00
_cell.angle_beta   90.00
_cell.angle_gamma   90.00
#
_symmetry.space_group_name_H-M   'P 1'
#
loop_
_entity.id
_entity.type
_entity.pdbx_description
1 polymer LbCas12a
2 polymer 'RNA (27-MER)'
3 polymer "RNA (5'-R(P*AP*AP*AP*CP*CP*CP*C)-3')"
#
loop_
_entity_poly.entity_id
_entity_poly.type
_entity_poly.pdbx_seq_one_letter_code
_entity_poly.pdbx_strand_id
1 'polypeptide(L)'
;SKLEKFTNCYSLSKTLRFKAIPVGKTQENIDNKRLLVEDEKRAEDYKGVKKLLDRYYLSFINDVLHSIKLKNLNNYISLF
RKKTRTEKENKELENLEINLRKEIAKAFKGNEGYKSLFKKDIIETILPEFLDDKDEIALVNSFNGFTTAFTGFFDNRENM
FSEEAKSTSIAFRCINENLTRYISNMDIFEKVDAIFDKHEVQEIKEKILNSDYDVEDFFEGEFFNFVLTQEGIDVYNAII
GGFVTESGEKIKGLNEYINLYNQKTKQKLPKFKPLYKQVLSDRESLSFYGEGYTSDEEVLEVFRNTLNKNSEIFSSIKKL
EKLFKNFDEYSSAGIFVKNGPAISTISKDIFGEWNVIRDKWNAEYDDIHLKKKAVVTEKYEDDRRKSFKKIGSFSLEQLQ
EYADADLSVVEKLKEIIIQKVDEIYKVYGSSEKLFDADFVLEKSLKKNDAVVAIMKDLLDSVKSFENYIKAFFGEGKETN
RDESFYGDFVLAYDILLKVDHIYDAIRNYVTQKPYSKDKFKLYFQNPQFMGGWDKDKETDYRATILRYGSKYYLAIMDKK
YAKCLQKIDKDDVNGNYEKINYKLLPGPNKMLPKVFFSKKWMAYYNPSEDIQKIYKNGTFKKGDMFNLNDCHKLIDFFKD
SISRYPKWSNAYDFNFSETEKYKDIAGFYREVEEQGYKVSFESASKKEVDKLVEEGKLYMFQIYNKDFSDKSHGTPNLHT
MYFKLLFDENNHGQIRLSGGAELFMRRASLKKEELVVHPANSPIANKNPDNPKKTTTLSYDVYKDKRFSEDQYELHIPIA
INKCPKNIFKINTEVRVLLKHDDNPYVIGIDRGERNLLYIVVVDGKGNIVEQYSLNEIINNFNGIRIKTDYHSLLDKKEK
ERFEARQNWTSIENIKELKAGYISQVVHKICELVEKYDAVIALEDLNSGFKNSRVKVEKQVYQKFEKMLIDKLNYMVDKK
SNPCATGGALKGYQITNKFESFKSMSTQNGFIFYIPAWLTSKIDPSTGFVNLLKTKYTSIADSKKFISSFDRIMYVPEED
LFEFALDYKNFSRTDADYIKKWKLYSYGNRIRIFRNPKKNNVFDWEEVCLTSAYKELFNKYGINYQQGDIRALLCEQSDK
AFYSSFMALMSLMLQMRNSITGRTDVDFLISPVKNSDGIFYDSRNYEAQENAILPKNADANGAYNIARKVLWAIGQFKKA
EDEKLDKVKIAISNKEWLEYAQTSV
;
A
2 'polyribonucleotide' AAUUUCUACUAAGUGUAGAUGGGGUUU B
3 'polyribonucleotide' AAACCCC C
#
# COMPACT_ATOMS: atom_id res chain seq x y z
N SER A 1 -25.28 6.34 -24.10
CA SER A 1 -24.04 5.77 -23.61
C SER A 1 -24.25 5.26 -22.22
N LYS A 2 -23.49 4.25 -21.85
CA LYS A 2 -23.64 3.66 -20.54
C LYS A 2 -22.89 4.46 -19.50
N LEU A 3 -21.92 5.27 -19.93
CA LEU A 3 -21.19 6.12 -19.00
C LEU A 3 -22.07 7.22 -18.49
N GLU A 4 -22.96 7.73 -19.32
CA GLU A 4 -23.82 8.85 -18.94
C GLU A 4 -24.66 8.70 -17.69
N LYS A 5 -25.02 7.47 -17.33
CA LYS A 5 -25.83 7.24 -16.15
C LYS A 5 -25.04 7.27 -14.87
N PHE A 6 -23.72 7.37 -14.96
CA PHE A 6 -22.91 7.32 -13.78
C PHE A 6 -22.46 8.70 -13.34
N THR A 7 -23.41 9.60 -13.15
CA THR A 7 -23.10 10.95 -12.71
C THR A 7 -23.83 11.17 -11.40
N ASN A 8 -23.32 12.04 -10.53
CA ASN A 8 -23.91 12.29 -9.21
C ASN A 8 -24.19 11.01 -8.44
N CYS A 9 -23.18 10.15 -8.34
CA CYS A 9 -23.40 8.88 -7.69
C CYS A 9 -23.07 8.92 -6.22
N TYR A 10 -21.95 9.52 -5.88
CA TYR A 10 -21.54 9.57 -4.51
C TYR A 10 -20.66 10.74 -4.18
N SER A 11 -20.36 10.94 -2.90
CA SER A 11 -19.59 12.08 -2.50
C SER A 11 -18.15 11.77 -2.34
N LEU A 12 -17.31 12.71 -2.71
CA LEU A 12 -15.89 12.54 -2.52
C LEU A 12 -15.40 13.90 -2.11
N SER A 13 -14.20 13.95 -1.56
CA SER A 13 -13.66 15.20 -1.12
C SER A 13 -12.20 15.29 -1.50
N LYS A 14 -11.71 16.46 -1.85
CA LYS A 14 -10.32 16.65 -2.21
C LYS A 14 -9.74 17.84 -1.52
N THR A 15 -8.43 17.95 -1.48
CA THR A 15 -7.79 19.13 -0.95
C THR A 15 -6.97 19.74 -2.07
N LEU A 16 -7.30 20.96 -2.46
CA LEU A 16 -6.53 21.65 -3.48
C LEU A 16 -5.48 22.53 -2.84
N ARG A 17 -4.21 22.27 -3.10
CA ARG A 17 -3.13 23.08 -2.55
C ARG A 17 -2.77 24.19 -3.50
N PHE A 18 -2.44 25.36 -2.96
CA PHE A 18 -2.15 26.53 -3.78
C PHE A 18 -0.99 27.28 -3.19
N LYS A 19 -0.63 28.40 -3.78
CA LYS A 19 0.44 29.23 -3.25
C LYS A 19 -0.24 30.50 -2.84
N ALA A 20 0.14 31.04 -1.69
CA ALA A 20 -0.41 32.32 -1.29
C ALA A 20 0.71 33.33 -1.31
N ILE A 21 0.54 34.38 -2.10
CA ILE A 21 1.58 35.40 -2.22
C ILE A 21 1.17 36.67 -1.51
N PRO A 22 1.92 37.07 -0.47
CA PRO A 22 1.58 38.27 0.30
C PRO A 22 1.41 39.54 -0.54
N VAL A 23 0.20 40.07 -0.63
CA VAL A 23 -0.09 41.26 -1.45
C VAL A 23 0.10 42.55 -0.69
N GLY A 24 0.79 43.52 -1.29
CA GLY A 24 1.00 44.80 -0.66
C GLY A 24 2.02 44.78 0.45
N LYS A 25 1.69 45.39 1.57
CA LYS A 25 2.61 45.43 2.69
C LYS A 25 2.37 44.30 3.64
N THR A 26 1.58 43.31 3.24
CA THR A 26 1.26 42.18 4.10
C THR A 26 2.52 41.60 4.72
N GLN A 27 3.51 41.30 3.90
CA GLN A 27 4.70 40.68 4.41
C GLN A 27 5.47 41.60 5.33
N GLU A 28 5.54 42.88 4.99
CA GLU A 28 6.20 43.83 5.87
C GLU A 28 5.52 43.88 7.22
N ASN A 29 4.19 43.96 7.24
CA ASN A 29 3.44 43.99 8.48
C ASN A 29 3.53 42.69 9.25
N ILE A 30 3.43 41.56 8.56
CA ILE A 30 3.57 40.26 9.20
C ILE A 30 4.90 40.18 9.89
N ASP A 31 5.94 40.69 9.24
CA ASP A 31 7.28 40.64 9.81
C ASP A 31 7.49 41.63 10.93
N ASN A 32 6.83 42.78 10.85
CA ASN A 32 6.97 43.80 11.88
C ASN A 32 6.25 43.37 13.12
N LYS A 33 5.08 42.78 12.95
CA LYS A 33 4.30 42.31 14.08
C LYS A 33 4.65 40.91 14.49
N ARG A 34 5.76 40.37 13.96
CA ARG A 34 6.22 39.02 14.28
C ARG A 34 5.09 38.01 14.40
N LEU A 35 4.36 37.79 13.31
CA LEU A 35 3.19 36.93 13.37
C LEU A 35 3.44 35.48 13.02
N LEU A 36 4.62 35.15 12.55
CA LEU A 36 4.91 33.78 12.18
C LEU A 36 5.93 33.18 13.11
N VAL A 37 6.45 33.97 14.03
CA VAL A 37 7.49 33.49 14.94
C VAL A 37 6.96 32.56 16.02
N GLU A 38 5.73 32.78 16.45
CA GLU A 38 5.14 31.94 17.48
C GLU A 38 4.56 30.68 16.85
N ASP A 39 4.22 30.75 15.57
CA ASP A 39 3.72 29.58 14.86
C ASP A 39 4.87 28.66 14.57
N GLU A 40 6.02 29.23 14.22
CA GLU A 40 7.19 28.44 13.95
C GLU A 40 7.71 27.84 15.22
N LYS A 41 7.75 28.62 16.28
CA LYS A 41 8.21 28.13 17.57
C LYS A 41 7.35 26.98 18.02
N ARG A 42 6.04 27.14 17.92
CA ARG A 42 5.14 26.07 18.29
C ARG A 42 5.48 24.80 17.52
N ALA A 43 5.58 24.90 16.20
CA ALA A 43 5.93 23.75 15.38
C ALA A 43 7.26 23.09 15.71
N GLU A 44 8.18 23.81 16.31
CA GLU A 44 9.47 23.24 16.72
C GLU A 44 9.35 22.59 18.08
N ASP A 45 8.42 23.08 18.89
CA ASP A 45 8.25 22.54 20.23
C ASP A 45 7.21 21.46 20.27
N TYR A 46 6.46 21.27 19.18
CA TYR A 46 5.40 20.27 19.14
C TYR A 46 5.88 18.94 19.63
N LYS A 47 6.99 18.47 19.09
CA LYS A 47 7.50 17.16 19.45
C LYS A 47 7.98 17.09 20.88
N GLY A 48 8.56 18.17 21.38
CA GLY A 48 9.04 18.20 22.75
C GLY A 48 7.94 18.25 23.76
N VAL A 49 6.85 18.94 23.47
CA VAL A 49 5.72 18.96 24.37
C VAL A 49 5.06 17.60 24.37
N LYS A 50 5.03 16.92 23.22
CA LYS A 50 4.49 15.57 23.16
C LYS A 50 5.32 14.61 23.99
N LYS A 51 6.63 14.84 24.07
CA LYS A 51 7.46 14.01 24.91
C LYS A 51 7.09 14.20 26.37
N LEU A 52 6.76 15.41 26.77
CA LEU A 52 6.42 15.69 28.15
C LEU A 52 5.00 15.24 28.43
N LEU A 53 4.13 15.28 27.43
CA LEU A 53 2.76 14.80 27.61
C LEU A 53 2.86 13.33 27.89
N ASP A 54 3.78 12.65 27.23
CA ASP A 54 3.97 11.22 27.45
C ASP A 54 4.59 10.93 28.79
N ARG A 55 5.29 11.88 29.38
CA ARG A 55 5.84 11.69 30.72
C ARG A 55 4.72 11.64 31.71
N TYR A 56 3.69 12.43 31.49
CA TYR A 56 2.54 12.37 32.36
C TYR A 56 1.77 11.09 32.15
N TYR A 57 1.68 10.64 30.91
CA TYR A 57 0.95 9.43 30.63
C TYR A 57 1.65 8.27 31.27
N LEU A 58 2.98 8.27 31.27
CA LEU A 58 3.72 7.23 31.93
C LEU A 58 3.48 7.23 33.42
N SER A 59 3.51 8.39 34.04
CA SER A 59 3.27 8.49 35.48
C SER A 59 1.84 8.11 35.84
N PHE A 60 0.89 8.39 34.96
CA PHE A 60 -0.48 7.99 35.20
C PHE A 60 -0.50 6.49 35.23
N ILE A 61 0.05 5.86 34.20
CA ILE A 61 0.05 4.42 34.11
C ILE A 61 0.73 3.78 35.32
N ASN A 62 1.86 4.32 35.76
CA ASN A 62 2.57 3.74 36.89
C ASN A 62 2.07 4.22 38.23
N ASP A 63 0.81 4.60 38.31
CA ASP A 63 0.23 5.02 39.57
C ASP A 63 -1.16 4.43 39.59
N VAL A 64 -1.61 3.96 38.44
CA VAL A 64 -2.91 3.34 38.38
C VAL A 64 -2.67 1.86 38.36
N LEU A 65 -1.94 1.35 37.38
CA LEU A 65 -1.62 -0.06 37.34
C LEU A 65 -0.69 -0.41 38.48
N HIS A 66 -0.07 0.59 39.11
CA HIS A 66 0.75 0.31 40.29
C HIS A 66 -0.05 0.43 41.55
N SER A 67 -1.35 0.19 41.48
CA SER A 67 -2.18 0.19 42.65
C SER A 67 -3.14 -0.93 42.34
N ILE A 68 -3.42 -1.13 41.06
CA ILE A 68 -4.30 -2.20 40.63
C ILE A 68 -3.69 -3.52 41.02
N LYS A 69 -4.18 -4.08 42.12
CA LYS A 69 -3.74 -5.38 42.53
C LYS A 69 -5.05 -6.07 42.58
N LEU A 70 -5.84 -5.87 41.53
CA LEU A 70 -7.16 -6.41 41.50
C LEU A 70 -7.15 -7.91 41.54
N LYS A 71 -6.86 -8.56 40.41
CA LYS A 71 -6.94 -10.01 40.34
C LYS A 71 -8.28 -10.42 40.91
N ASN A 72 -9.32 -9.65 40.61
CA ASN A 72 -10.63 -9.92 41.17
C ASN A 72 -11.23 -11.03 40.37
N LEU A 73 -10.83 -11.13 39.11
CA LEU A 73 -11.29 -12.25 38.32
C LEU A 73 -10.77 -13.47 39.05
N ASN A 74 -9.45 -13.54 39.18
CA ASN A 74 -8.84 -14.64 39.89
C ASN A 74 -7.40 -14.29 40.12
N ASN A 75 -6.90 -14.59 41.30
CA ASN A 75 -5.48 -14.38 41.58
C ASN A 75 -4.80 -15.69 41.29
N TYR A 76 -5.55 -16.64 40.74
CA TYR A 76 -5.01 -17.93 40.45
C TYR A 76 -5.08 -18.25 38.97
N ILE A 77 -6.27 -18.14 38.38
CA ILE A 77 -6.46 -18.54 36.97
C ILE A 77 -5.78 -19.88 36.75
N SER A 78 -6.22 -20.89 37.49
CA SER A 78 -5.63 -22.20 37.36
C SER A 78 -6.52 -23.04 36.49
N LEU A 79 -6.98 -22.46 35.39
CA LEU A 79 -7.79 -23.21 34.46
C LEU A 79 -6.98 -23.14 33.20
N PHE A 80 -5.67 -23.03 33.32
CA PHE A 80 -4.87 -22.83 32.13
C PHE A 80 -4.47 -24.07 31.36
N ARG A 81 -5.43 -24.78 30.77
CA ARG A 81 -5.18 -25.98 29.97
C ARG A 81 -4.14 -26.96 30.51
N LYS A 82 -4.09 -27.13 31.82
CA LYS A 82 -3.18 -28.09 32.40
C LYS A 82 -3.88 -29.41 32.22
N LYS A 83 -5.14 -29.46 32.61
CA LYS A 83 -5.92 -30.65 32.39
C LYS A 83 -7.11 -30.17 31.58
N THR A 84 -6.97 -30.07 30.25
CA THR A 84 -8.04 -29.54 29.39
C THR A 84 -9.44 -29.85 29.87
N ARG A 85 -10.19 -28.83 30.25
CA ARG A 85 -11.50 -29.08 30.85
C ARG A 85 -12.68 -29.27 29.91
N THR A 86 -13.87 -28.86 30.34
CA THR A 86 -15.10 -29.02 29.56
C THR A 86 -15.03 -29.59 28.16
N GLU A 87 -15.34 -30.88 28.00
CA GLU A 87 -15.33 -31.53 26.70
C GLU A 87 -14.22 -31.09 25.77
N LYS A 88 -12.96 -31.30 26.19
CA LYS A 88 -11.81 -30.88 25.39
C LYS A 88 -11.90 -29.44 24.94
N GLU A 89 -11.79 -28.50 25.88
CA GLU A 89 -11.84 -27.07 25.57
C GLU A 89 -13.04 -26.69 24.73
N ASN A 90 -14.24 -26.98 25.22
CA ASN A 90 -15.43 -26.59 24.51
C ASN A 90 -15.90 -25.35 25.21
N LYS A 91 -16.44 -25.52 26.41
CA LYS A 91 -16.85 -24.38 27.20
C LYS A 91 -15.70 -23.96 28.08
N GLU A 92 -14.60 -24.72 28.03
CA GLU A 92 -13.41 -24.33 28.77
C GLU A 92 -12.78 -23.23 27.97
N LEU A 93 -12.85 -23.34 26.65
CA LEU A 93 -12.34 -22.28 25.80
C LEU A 93 -13.16 -21.02 26.03
N GLU A 94 -14.44 -21.17 26.31
CA GLU A 94 -15.27 -20.00 26.61
C GLU A 94 -14.99 -19.48 27.99
N ASN A 95 -14.59 -20.35 28.90
CA ASN A 95 -14.23 -19.90 30.24
C ASN A 95 -12.86 -19.20 30.19
N LEU A 96 -12.00 -19.62 29.28
CA LEU A 96 -10.71 -18.96 29.12
C LEU A 96 -10.94 -17.62 28.46
N GLU A 97 -11.94 -17.57 27.60
CA GLU A 97 -12.25 -16.33 26.92
C GLU A 97 -12.76 -15.34 27.94
N ILE A 98 -13.77 -15.74 28.71
CA ILE A 98 -14.35 -14.78 29.63
C ILE A 98 -13.32 -14.28 30.62
N ASN A 99 -12.49 -15.17 31.15
CA ASN A 99 -11.43 -14.77 32.07
C ASN A 99 -10.61 -13.63 31.45
N LEU A 100 -9.99 -13.90 30.31
CA LEU A 100 -9.23 -12.87 29.61
C LEU A 100 -10.01 -11.58 29.54
N ARG A 101 -11.18 -11.64 28.92
CA ARG A 101 -11.95 -10.42 28.74
C ARG A 101 -12.13 -9.64 30.01
N LYS A 102 -12.63 -10.27 31.07
CA LYS A 102 -12.90 -9.53 32.29
C LYS A 102 -11.65 -8.98 32.97
N GLU A 103 -10.55 -9.73 32.96
CA GLU A 103 -9.31 -9.16 33.52
C GLU A 103 -8.88 -7.91 32.74
N ILE A 104 -8.91 -8.02 31.40
CA ILE A 104 -8.45 -6.87 30.65
C ILE A 104 -9.40 -5.72 30.98
N ALA A 105 -10.68 -5.99 31.11
CA ALA A 105 -11.67 -4.96 31.39
C ALA A 105 -11.40 -4.23 32.68
N LYS A 106 -11.12 -5.00 33.71
CA LYS A 106 -10.79 -4.39 34.98
C LYS A 106 -9.62 -3.46 34.70
N ALA A 107 -8.49 -4.03 34.29
CA ALA A 107 -7.30 -3.16 34.13
C ALA A 107 -7.57 -1.91 33.29
N PHE A 108 -8.51 -2.00 32.36
CA PHE A 108 -8.79 -0.91 31.43
C PHE A 108 -9.84 0.15 31.75
N LYS A 109 -10.80 -0.10 32.62
CA LYS A 109 -11.78 1.00 32.85
C LYS A 109 -11.22 2.47 33.01
N GLY A 110 -11.89 3.51 32.48
CA GLY A 110 -11.47 4.88 32.71
C GLY A 110 -10.83 4.91 34.07
N ASN A 111 -9.54 5.18 34.13
CA ASN A 111 -8.84 5.10 35.41
C ASN A 111 -8.90 6.30 36.37
N GLU A 112 -7.80 6.59 37.05
CA GLU A 112 -7.78 7.66 38.04
C GLU A 112 -7.49 9.06 37.50
N GLY A 113 -8.28 9.52 36.53
CA GLY A 113 -8.05 10.83 35.94
C GLY A 113 -8.05 10.78 34.43
N TYR A 114 -8.87 9.90 33.85
CA TYR A 114 -8.93 9.76 32.40
C TYR A 114 -9.48 10.97 31.67
N LYS A 115 -10.13 11.87 32.39
CA LYS A 115 -10.71 13.02 31.75
C LYS A 115 -9.64 14.04 31.38
N SER A 116 -8.93 14.55 32.36
CA SER A 116 -7.90 15.55 32.10
C SER A 116 -6.58 14.96 31.62
N LEU A 117 -6.66 14.01 30.71
CA LEU A 117 -5.47 13.37 30.20
C LEU A 117 -5.45 13.62 28.71
N PHE A 118 -6.60 13.52 28.06
CA PHE A 118 -6.63 13.64 26.62
C PHE A 118 -7.53 14.77 26.16
N LYS A 119 -7.51 15.85 26.89
CA LYS A 119 -8.31 17.02 26.53
C LYS A 119 -7.43 18.23 26.67
N LYS A 120 -8.02 19.41 26.66
CA LYS A 120 -7.22 20.63 26.71
C LYS A 120 -6.57 20.82 28.06
N ASP A 121 -7.24 20.39 29.10
CA ASP A 121 -6.75 20.58 30.46
C ASP A 121 -5.32 20.14 30.75
N ILE A 122 -4.82 19.11 30.07
CA ILE A 122 -3.48 18.66 30.40
C ILE A 122 -2.45 19.74 30.06
N ILE A 123 -2.49 20.28 28.86
CA ILE A 123 -1.58 21.34 28.46
C ILE A 123 -1.87 22.59 29.27
N GLU A 124 -3.14 22.84 29.52
CA GLU A 124 -3.53 24.04 30.26
C GLU A 124 -3.06 24.03 31.71
N THR A 125 -3.34 22.97 32.44
CA THR A 125 -3.02 22.95 33.87
C THR A 125 -2.22 21.76 34.35
N ILE A 126 -2.68 20.55 34.06
CA ILE A 126 -2.01 19.37 34.61
C ILE A 126 -0.53 19.29 34.30
N LEU A 127 -0.17 19.33 33.02
CA LEU A 127 1.24 19.29 32.66
C LEU A 127 2.10 20.39 33.30
N PRO A 128 1.67 21.67 33.26
CA PRO A 128 2.44 22.69 33.97
C PRO A 128 2.74 22.40 35.44
N GLU A 129 1.76 21.90 36.20
CA GLU A 129 2.01 21.54 37.59
C GLU A 129 2.97 20.37 37.72
N PHE A 130 2.70 19.30 36.99
CA PHE A 130 3.55 18.12 37.04
C PHE A 130 5.00 18.44 36.72
N LEU A 131 5.23 19.25 35.71
CA LEU A 131 6.58 19.58 35.32
C LEU A 131 7.18 20.56 36.30
N ASP A 132 8.48 20.48 36.50
CA ASP A 132 9.14 21.37 37.45
C ASP A 132 10.37 22.03 36.83
N ASP A 133 10.40 22.13 35.51
CA ASP A 133 11.49 22.83 34.87
C ASP A 133 10.86 24.01 34.18
N LYS A 134 11.29 25.22 34.53
CA LYS A 134 10.66 26.42 33.96
C LYS A 134 10.52 26.39 32.46
N ASP A 135 11.59 26.05 31.76
CA ASP A 135 11.56 26.02 30.30
C ASP A 135 10.63 24.94 29.74
N GLU A 136 10.50 23.83 30.45
CA GLU A 136 9.62 22.77 29.99
C GLU A 136 8.22 23.25 30.17
N ILE A 137 7.93 23.88 31.30
CA ILE A 137 6.60 24.45 31.52
C ILE A 137 6.34 25.54 30.48
N ALA A 138 7.38 26.29 30.10
CA ALA A 138 7.24 27.34 29.10
C ALA A 138 6.81 26.77 27.76
N LEU A 139 7.41 25.66 27.33
CA LEU A 139 7.03 25.01 26.09
C LEU A 139 5.58 24.62 26.17
N VAL A 140 5.17 24.07 27.30
CA VAL A 140 3.80 23.63 27.46
C VAL A 140 2.85 24.82 27.44
N ASN A 141 3.28 25.94 28.01
CA ASN A 141 2.42 27.12 28.07
C ASN A 141 2.40 27.87 26.76
N SER A 142 3.31 27.55 25.85
CA SER A 142 3.32 28.17 24.54
C SER A 142 2.29 27.50 23.68
N PHE A 143 1.80 26.35 24.13
CA PHE A 143 0.78 25.64 23.39
C PHE A 143 -0.60 25.83 24.01
N ASN A 144 -0.73 26.83 24.87
CA ASN A 144 -2.01 27.09 25.51
C ASN A 144 -2.95 27.75 24.53
N GLY A 145 -4.11 27.17 24.34
CA GLY A 145 -5.06 27.69 23.37
C GLY A 145 -4.87 26.99 22.04
N PHE A 146 -3.73 26.35 21.86
CA PHE A 146 -3.43 25.67 20.61
C PHE A 146 -3.22 24.21 20.90
N THR A 147 -4.11 23.62 21.69
CA THR A 147 -4.01 22.22 22.04
C THR A 147 -4.73 21.35 21.03
N THR A 148 -5.29 21.95 19.98
CA THR A 148 -5.93 21.18 18.92
C THR A 148 -4.86 20.53 18.07
N ALA A 149 -3.63 20.98 18.21
CA ALA A 149 -2.52 20.37 17.50
C ALA A 149 -2.34 18.92 17.96
N PHE A 150 -2.60 18.65 19.22
CA PHE A 150 -2.38 17.31 19.76
C PHE A 150 -3.55 16.35 19.62
N THR A 151 -4.56 16.70 18.82
CA THR A 151 -5.75 15.86 18.64
C THR A 151 -5.49 14.41 18.22
N GLY A 152 -4.72 14.19 17.17
CA GLY A 152 -4.38 12.84 16.74
C GLY A 152 -3.47 12.15 17.71
N PHE A 153 -2.60 12.91 18.38
CA PHE A 153 -1.74 12.34 19.39
C PHE A 153 -2.63 11.85 20.51
N PHE A 154 -3.65 12.62 20.87
CA PHE A 154 -4.57 12.24 21.94
C PHE A 154 -5.37 11.02 21.54
N ASP A 155 -5.74 10.93 20.28
CA ASP A 155 -6.49 9.79 19.80
C ASP A 155 -5.66 8.55 19.49
N ASN A 156 -4.41 8.52 19.91
CA ASN A 156 -3.60 7.34 19.72
C ASN A 156 -2.99 7.00 21.05
N ARG A 157 -2.99 7.97 21.93
CA ARG A 157 -2.40 7.75 23.24
C ARG A 157 -3.50 7.25 24.12
N GLU A 158 -4.72 7.28 23.61
CA GLU A 158 -5.83 6.74 24.36
C GLU A 158 -6.62 5.95 23.40
N ASN A 159 -7.14 6.61 22.38
CA ASN A 159 -8.05 5.95 21.46
C ASN A 159 -7.50 4.96 20.47
N MET A 160 -6.28 4.48 20.67
CA MET A 160 -5.78 3.43 19.82
C MET A 160 -6.26 2.21 20.55
N PHE A 161 -6.38 2.34 21.87
CA PHE A 161 -6.91 1.22 22.66
C PHE A 161 -8.21 1.60 23.35
N SER A 162 -8.79 0.66 24.11
CA SER A 162 -10.05 0.92 24.81
C SER A 162 -10.37 -0.17 25.79
N GLU A 163 -11.02 -1.21 25.31
CA GLU A 163 -11.36 -2.35 26.16
C GLU A 163 -11.20 -3.50 25.22
N GLU A 164 -10.14 -3.47 24.42
CA GLU A 164 -9.98 -4.49 23.40
C GLU A 164 -8.70 -5.27 23.50
N ALA A 165 -8.29 -5.85 22.37
CA ALA A 165 -7.03 -6.57 22.33
C ALA A 165 -6.02 -5.64 21.71
N LYS A 166 -5.22 -6.13 20.77
CA LYS A 166 -4.18 -5.32 20.08
C LYS A 166 -2.99 -4.88 20.94
N SER A 167 -1.80 -4.90 20.36
CA SER A 167 -0.60 -4.52 21.11
C SER A 167 -0.68 -3.11 21.68
N THR A 168 -1.44 -2.23 21.04
CA THR A 168 -1.63 -0.88 21.52
C THR A 168 -2.13 -0.81 22.95
N SER A 169 -2.99 -1.75 23.34
CA SER A 169 -3.55 -1.76 24.68
C SER A 169 -2.54 -2.05 25.76
N ILE A 170 -2.71 -1.41 26.90
CA ILE A 170 -1.82 -1.66 28.00
C ILE A 170 -2.28 -2.89 28.75
N ALA A 171 -3.58 -3.14 28.74
CA ALA A 171 -4.10 -4.34 29.38
C ALA A 171 -3.78 -5.56 28.55
N PHE A 172 -3.86 -5.47 27.23
CA PHE A 172 -3.43 -6.58 26.39
C PHE A 172 -1.98 -6.87 26.75
N ARG A 173 -1.15 -5.84 26.82
CA ARG A 173 0.23 -6.04 27.13
C ARG A 173 0.40 -6.69 28.49
N CYS A 174 -0.49 -6.41 29.43
CA CYS A 174 -0.33 -6.93 30.79
C CYS A 174 -0.96 -8.30 30.99
N ILE A 175 -2.07 -8.55 30.30
CA ILE A 175 -2.77 -9.81 30.48
C ILE A 175 -2.47 -10.72 29.32
N ASN A 176 -2.97 -10.39 28.14
CA ASN A 176 -2.78 -11.25 26.97
C ASN A 176 -1.36 -11.30 26.39
N GLU A 177 -0.33 -10.94 27.17
CA GLU A 177 1.04 -11.00 26.71
C GLU A 177 1.97 -11.29 27.86
N ASN A 178 1.90 -10.47 28.90
CA ASN A 178 2.80 -10.65 30.03
C ASN A 178 2.40 -11.75 31.00
N LEU A 179 1.12 -12.04 31.11
CA LEU A 179 0.68 -13.15 31.96
C LEU A 179 0.87 -14.46 31.22
N THR A 180 1.21 -14.38 29.94
CA THR A 180 1.48 -15.59 29.20
C THR A 180 2.86 -16.03 29.58
N ARG A 181 3.78 -15.07 29.71
CA ARG A 181 5.11 -15.43 30.17
C ARG A 181 5.15 -15.55 31.69
N TYR A 182 4.06 -15.17 32.36
CA TYR A 182 3.99 -15.35 33.80
C TYR A 182 3.09 -16.53 34.09
N ILE A 183 2.58 -17.20 33.07
CA ILE A 183 1.79 -18.39 33.36
C ILE A 183 2.77 -19.49 33.64
N SER A 184 3.96 -19.39 33.07
CA SER A 184 5.00 -20.35 33.38
C SER A 184 5.50 -19.98 34.75
N ASN A 185 4.80 -20.36 35.82
CA ASN A 185 5.16 -19.90 37.17
C ASN A 185 4.79 -20.80 38.33
N MET A 186 4.30 -22.02 38.08
CA MET A 186 3.99 -22.97 39.17
C MET A 186 3.98 -24.44 38.76
N ASP A 187 5.16 -25.08 38.68
CA ASP A 187 5.29 -26.49 38.27
C ASP A 187 6.68 -27.06 38.55
N ILE A 188 7.71 -26.51 37.90
CA ILE A 188 9.07 -27.07 38.04
C ILE A 188 10.27 -26.16 38.28
N PHE A 189 10.13 -24.85 38.52
CA PHE A 189 11.32 -24.03 38.82
C PHE A 189 11.98 -24.50 40.10
N GLU A 190 11.19 -25.05 41.02
CA GLU A 190 11.73 -25.58 42.26
C GLU A 190 12.42 -26.90 41.99
N LYS A 191 12.12 -27.53 40.86
CA LYS A 191 12.83 -28.75 40.51
C LYS A 191 14.08 -28.33 39.78
N VAL A 192 14.08 -27.12 39.20
CA VAL A 192 15.30 -26.61 38.57
C VAL A 192 16.09 -25.87 39.65
N ASP A 193 15.62 -25.91 40.89
CA ASP A 193 16.33 -25.26 41.99
C ASP A 193 17.53 -26.06 42.46
N ALA A 194 17.87 -27.14 41.76
CA ALA A 194 19.06 -27.89 42.11
C ALA A 194 20.25 -26.97 41.96
N ILE A 195 20.24 -26.17 40.89
CA ILE A 195 21.33 -25.25 40.66
C ILE A 195 21.12 -23.98 41.43
N PHE A 196 19.86 -23.61 41.66
CA PHE A 196 19.58 -22.38 42.35
C PHE A 196 19.60 -22.66 43.83
N ASP A 197 20.79 -22.65 44.44
CA ASP A 197 20.90 -23.01 45.85
C ASP A 197 20.38 -21.96 46.81
N LYS A 198 20.34 -22.29 48.10
CA LYS A 198 19.82 -21.37 49.10
C LYS A 198 20.66 -20.11 49.17
N HIS A 199 21.97 -20.29 49.18
CA HIS A 199 22.86 -19.14 49.23
C HIS A 199 22.71 -18.29 47.98
N GLU A 200 22.46 -18.90 46.84
CA GLU A 200 22.27 -18.16 45.60
C GLU A 200 21.03 -17.32 45.68
N VAL A 201 19.91 -17.93 46.09
CA VAL A 201 18.65 -17.20 46.20
C VAL A 201 18.81 -16.03 47.17
N GLN A 202 19.45 -16.26 48.30
CA GLN A 202 19.65 -15.20 49.27
C GLN A 202 20.57 -14.12 48.75
N GLU A 203 21.58 -14.50 47.96
CA GLU A 203 22.51 -13.54 47.40
C GLU A 203 21.78 -12.61 46.47
N ILE A 204 20.91 -13.16 45.63
CA ILE A 204 20.23 -12.31 44.67
C ILE A 204 19.13 -11.50 45.31
N LYS A 205 18.60 -11.96 46.45
CA LYS A 205 17.59 -11.20 47.17
C LYS A 205 18.26 -10.07 47.91
N GLU A 206 19.50 -10.28 48.34
CA GLU A 206 20.23 -9.20 49.00
C GLU A 206 20.73 -8.22 47.95
N LYS A 207 20.69 -8.62 46.69
CA LYS A 207 21.09 -7.73 45.63
C LYS A 207 19.86 -6.96 45.15
N ILE A 208 18.72 -7.64 44.98
CA ILE A 208 17.49 -6.93 44.63
C ILE A 208 16.85 -6.44 45.91
N LEU A 209 15.56 -6.15 45.85
CA LEU A 209 14.88 -5.76 47.08
C LEU A 209 15.00 -6.92 48.06
N ASN A 210 15.53 -6.63 49.23
CA ASN A 210 15.60 -7.65 50.27
C ASN A 210 14.21 -7.78 50.81
N SER A 211 13.40 -6.74 50.63
CA SER A 211 12.03 -6.77 51.06
C SER A 211 11.28 -7.84 50.29
N ASP A 212 11.60 -7.99 49.00
CA ASP A 212 10.99 -9.07 48.23
C ASP A 212 11.44 -10.33 48.90
N TYR A 213 10.51 -11.10 49.43
CA TYR A 213 10.85 -12.30 50.19
C TYR A 213 11.86 -13.23 49.54
N ASP A 214 11.57 -13.71 48.35
CA ASP A 214 12.45 -14.68 47.73
C ASP A 214 12.47 -14.47 46.25
N VAL A 215 12.17 -15.53 45.51
CA VAL A 215 12.08 -15.43 44.08
C VAL A 215 10.66 -15.82 43.76
N GLU A 216 9.99 -16.45 44.74
CA GLU A 216 8.57 -16.82 44.59
C GLU A 216 8.21 -17.58 43.34
N ASP A 217 6.97 -17.42 42.88
CA ASP A 217 6.55 -18.04 41.64
C ASP A 217 7.46 -17.45 40.60
N PHE A 218 8.13 -18.27 39.80
CA PHE A 218 9.09 -17.68 38.86
C PHE A 218 9.06 -18.10 37.40
N PHE A 219 9.50 -19.32 37.06
CA PHE A 219 9.57 -19.74 35.65
C PHE A 219 9.34 -21.24 35.48
N GLU A 220 8.11 -21.68 35.69
CA GLU A 220 7.83 -23.11 35.64
C GLU A 220 6.72 -23.49 34.67
N GLY A 221 5.49 -23.55 35.16
CA GLY A 221 4.35 -23.88 34.30
C GLY A 221 2.99 -23.62 34.94
N GLU A 222 1.91 -24.17 34.39
CA GLU A 222 0.55 -24.04 34.95
C GLU A 222 -0.07 -22.66 35.15
N PHE A 223 -0.06 -22.13 36.37
CA PHE A 223 -0.75 -20.85 36.65
C PHE A 223 0.06 -19.66 37.18
N PHE A 224 -0.64 -18.63 37.69
CA PHE A 224 0.02 -17.45 38.25
C PHE A 224 -0.42 -17.16 39.69
N ASN A 225 0.33 -16.33 40.42
CA ASN A 225 -0.02 -16.03 41.82
C ASN A 225 0.49 -14.72 42.42
N PHE A 226 1.06 -13.81 41.63
CA PHE A 226 1.67 -12.61 42.23
C PHE A 226 1.68 -11.35 41.37
N VAL A 227 1.89 -11.47 40.06
CA VAL A 227 2.05 -10.27 39.25
C VAL A 227 0.80 -9.76 38.59
N LEU A 228 0.18 -10.54 37.69
CA LEU A 228 -1.01 -10.12 36.95
C LEU A 228 -0.76 -8.91 36.08
N THR A 229 -0.84 -7.71 36.65
CA THR A 229 -0.62 -6.46 35.91
C THR A 229 0.86 -6.17 35.77
N GLN A 230 1.32 -5.18 36.50
CA GLN A 230 2.72 -4.84 36.45
C GLN A 230 3.22 -4.84 37.87
N GLU A 231 3.91 -5.90 38.28
CA GLU A 231 4.47 -5.88 39.63
C GLU A 231 5.98 -5.72 39.53
N GLY A 232 6.42 -4.69 38.82
CA GLY A 232 7.84 -4.49 38.61
C GLY A 232 8.30 -5.36 37.47
N ILE A 233 7.95 -4.96 36.25
CA ILE A 233 8.38 -5.73 35.08
C ILE A 233 9.90 -5.82 35.08
N ASP A 234 10.57 -4.72 35.35
CA ASP A 234 12.03 -4.74 35.44
C ASP A 234 12.59 -5.52 36.61
N VAL A 235 11.91 -5.49 37.76
CA VAL A 235 12.35 -6.30 38.91
C VAL A 235 12.30 -7.78 38.56
N TYR A 236 11.18 -8.21 37.96
CA TYR A 236 11.05 -9.59 37.54
C TYR A 236 12.20 -9.95 36.62
N ASN A 237 12.43 -9.12 35.61
CA ASN A 237 13.49 -9.40 34.64
C ASN A 237 14.87 -9.38 35.24
N ALA A 238 15.07 -8.61 36.30
CA ALA A 238 16.37 -8.52 36.95
C ALA A 238 16.84 -9.86 37.48
N ILE A 239 15.91 -10.69 37.91
CA ILE A 239 16.29 -11.99 38.41
C ILE A 239 15.82 -13.13 37.53
N ILE A 240 15.12 -12.82 36.45
CA ILE A 240 14.74 -13.88 35.51
C ILE A 240 15.95 -14.02 34.63
N GLY A 241 16.44 -12.89 34.14
CA GLY A 241 17.63 -12.91 33.31
C GLY A 241 18.80 -12.61 34.21
N GLY A 242 19.15 -11.34 34.30
CA GLY A 242 20.25 -10.94 35.14
C GLY A 242 20.38 -9.45 35.19
N PHE A 243 20.81 -8.93 36.35
CA PHE A 243 21.01 -7.50 36.47
C PHE A 243 22.34 -7.16 37.11
N VAL A 244 22.72 -5.89 37.04
CA VAL A 244 23.93 -5.47 37.73
C VAL A 244 23.46 -4.40 38.67
N THR A 245 23.90 -4.45 39.92
CA THR A 245 23.55 -3.41 40.87
C THR A 245 24.56 -2.30 40.79
N GLU A 246 25.24 -2.02 41.89
CA GLU A 246 26.29 -1.03 41.86
C GLU A 246 27.60 -1.79 42.00
N SER A 247 27.51 -3.07 42.31
CA SER A 247 28.71 -3.88 42.54
C SER A 247 29.68 -3.87 41.37
N GLY A 248 29.17 -4.01 40.16
CA GLY A 248 30.04 -4.07 39.00
C GLY A 248 30.04 -5.51 38.53
N GLU A 249 30.02 -6.43 39.47
CA GLU A 249 29.93 -7.84 39.11
C GLU A 249 28.52 -8.08 38.58
N LYS A 250 28.42 -8.69 37.41
CA LYS A 250 27.11 -9.01 36.85
C LYS A 250 26.41 -10.04 37.71
N ILE A 251 25.46 -9.58 38.52
CA ILE A 251 24.74 -10.49 39.40
C ILE A 251 23.86 -11.41 38.57
N LYS A 252 24.29 -12.65 38.42
CA LYS A 252 23.50 -13.61 37.67
C LYS A 252 22.15 -13.68 38.32
N GLY A 253 21.11 -13.46 37.53
CA GLY A 253 19.78 -13.47 38.07
C GLY A 253 19.41 -14.90 38.38
N LEU A 254 19.08 -15.66 37.34
CA LEU A 254 18.77 -17.07 37.51
C LEU A 254 18.94 -17.74 36.17
N ASN A 255 19.05 -16.95 35.11
CA ASN A 255 19.24 -17.49 33.78
C ASN A 255 20.66 -17.98 33.63
N GLU A 256 21.60 -17.22 34.15
CA GLU A 256 23.00 -17.64 34.10
C GLU A 256 23.21 -18.74 35.11
N TYR A 257 22.38 -18.75 36.15
CA TYR A 257 22.47 -19.83 37.12
C TYR A 257 21.98 -21.12 36.51
N ILE A 258 21.02 -21.05 35.60
CA ILE A 258 20.59 -22.26 34.91
C ILE A 258 21.69 -22.75 33.97
N ASN A 259 22.52 -21.83 33.50
CA ASN A 259 23.56 -22.21 32.57
C ASN A 259 24.71 -22.94 33.25
N LEU A 260 24.77 -22.89 34.58
CA LEU A 260 25.77 -23.67 35.28
C LEU A 260 25.41 -25.13 35.09
N TYR A 261 24.14 -25.47 35.28
CA TYR A 261 23.74 -26.84 35.01
C TYR A 261 23.92 -27.16 33.55
N ASN A 262 23.65 -26.20 32.68
CA ASN A 262 23.74 -26.46 31.25
C ASN A 262 25.13 -26.47 30.63
N GLN A 263 26.15 -26.04 31.38
CA GLN A 263 27.50 -25.98 30.82
C GLN A 263 28.52 -26.62 31.73
N LYS A 264 28.53 -26.20 32.99
CA LYS A 264 29.47 -26.76 33.94
C LYS A 264 29.14 -28.23 34.16
N THR A 265 27.85 -28.57 34.14
CA THR A 265 27.47 -29.97 34.29
C THR A 265 26.74 -30.47 33.07
N LYS A 266 26.64 -29.63 32.04
CA LYS A 266 25.99 -30.02 30.77
C LYS A 266 24.61 -30.71 30.85
N GLN A 267 23.58 -29.95 31.17
CA GLN A 267 22.23 -30.50 31.20
C GLN A 267 21.44 -29.75 30.13
N LYS A 268 20.21 -30.17 29.85
CA LYS A 268 19.48 -29.55 28.75
C LYS A 268 18.17 -28.85 29.09
N LEU A 269 18.03 -28.36 30.33
CA LEU A 269 16.84 -27.59 30.68
C LEU A 269 17.15 -26.24 30.08
N PRO A 270 16.17 -25.59 29.46
CA PRO A 270 16.54 -24.34 28.79
C PRO A 270 16.44 -23.07 29.63
N LYS A 271 16.58 -21.93 28.97
CA LYS A 271 16.50 -20.64 29.65
C LYS A 271 15.08 -20.15 29.81
N PHE A 272 14.89 -19.01 30.47
CA PHE A 272 13.53 -18.51 30.74
C PHE A 272 13.20 -17.24 29.99
N LYS A 273 11.95 -16.79 30.07
CA LYS A 273 11.55 -15.63 29.28
C LYS A 273 11.34 -14.36 30.09
N PRO A 274 11.95 -13.26 29.65
CA PRO A 274 11.74 -11.97 30.33
C PRO A 274 10.42 -11.32 29.98
N LEU A 275 9.79 -10.65 30.95
CA LEU A 275 8.51 -9.99 30.71
C LEU A 275 8.65 -8.86 29.71
N TYR A 276 7.80 -8.86 28.69
CA TYR A 276 7.84 -7.81 27.69
C TYR A 276 7.64 -6.51 28.41
N LYS A 277 8.59 -5.60 28.31
CA LYS A 277 8.39 -4.29 28.91
C LYS A 277 7.17 -3.64 28.29
N GLN A 278 6.45 -2.85 29.07
CA GLN A 278 5.30 -2.14 28.51
C GLN A 278 5.77 -1.29 27.34
N VAL A 279 5.46 -1.67 26.10
CA VAL A 279 5.96 -0.97 24.88
C VAL A 279 6.64 0.37 25.06
N LEU A 280 7.95 0.37 25.36
CA LEU A 280 8.71 1.61 25.63
C LEU A 280 8.06 2.43 26.73
N SER A 281 7.05 3.22 26.40
CA SER A 281 6.30 3.93 27.42
C SER A 281 5.46 2.89 28.12
N ASP A 282 4.28 2.64 27.57
CA ASP A 282 3.41 1.62 28.11
C ASP A 282 2.70 1.04 26.93
N ARG A 283 2.56 1.86 25.91
CA ARG A 283 1.85 1.43 24.72
C ARG A 283 2.48 1.96 23.45
N GLU A 284 3.36 2.96 23.56
CA GLU A 284 3.91 3.56 22.36
C GLU A 284 5.39 3.93 22.37
N SER A 285 5.73 5.22 22.29
CA SER A 285 7.12 5.68 22.19
C SER A 285 7.95 5.11 21.04
N LEU A 286 9.21 5.54 20.89
CA LEU A 286 10.02 5.08 19.76
C LEU A 286 11.47 4.75 20.09
N SER A 287 11.91 3.55 19.74
CA SER A 287 13.27 3.13 20.06
C SER A 287 14.19 3.25 18.88
N PHE A 288 14.00 2.40 17.88
CA PHE A 288 14.86 2.43 16.71
C PHE A 288 14.27 3.28 15.60
N TYR A 289 13.85 4.49 15.93
CA TYR A 289 13.39 5.39 14.91
C TYR A 289 14.60 6.25 14.70
N GLY A 290 15.57 6.18 15.63
CA GLY A 290 16.81 6.95 15.56
C GLY A 290 17.00 8.02 14.51
N GLU A 291 16.29 9.14 14.62
CA GLU A 291 16.36 10.17 13.59
C GLU A 291 17.46 11.19 13.76
N GLY A 292 17.37 12.29 13.01
CA GLY A 292 18.38 13.33 13.08
C GLY A 292 19.10 13.49 11.76
N TYR A 293 18.92 12.54 10.85
CA TYR A 293 19.63 12.57 9.57
C TYR A 293 19.31 13.80 8.74
N THR A 294 20.17 14.80 8.82
CA THR A 294 20.00 16.03 8.06
C THR A 294 21.34 16.46 7.52
N SER A 295 22.40 15.94 8.11
CA SER A 295 23.73 16.26 7.65
C SER A 295 24.34 14.99 7.13
N ASP A 296 25.55 15.07 6.59
CA ASP A 296 26.23 13.89 6.10
C ASP A 296 26.98 13.18 7.21
N GLU A 297 26.79 13.62 8.44
CA GLU A 297 27.52 13.04 9.56
C GLU A 297 26.61 12.51 10.63
N GLU A 298 25.30 12.63 10.44
CA GLU A 298 24.37 12.06 11.40
C GLU A 298 24.16 10.57 11.21
N VAL A 299 23.79 9.83 12.28
CA VAL A 299 23.59 8.35 12.26
C VAL A 299 24.92 7.57 12.20
N LEU A 300 25.96 8.18 11.65
CA LEU A 300 27.27 7.55 11.54
C LEU A 300 27.32 6.03 11.51
N GLU A 301 26.74 5.39 10.50
CA GLU A 301 26.84 3.96 10.35
C GLU A 301 26.49 3.09 11.54
N VAL A 302 25.20 2.96 11.86
CA VAL A 302 24.77 2.05 12.94
C VAL A 302 24.85 0.57 12.55
N PHE A 303 25.81 0.20 11.70
CA PHE A 303 25.99 -1.20 11.35
C PHE A 303 27.26 -1.76 12.02
N ARG A 304 28.26 -0.92 12.21
CA ARG A 304 29.44 -1.37 12.97
C ARG A 304 30.09 -0.19 13.64
N ASN A 305 29.61 1.01 13.33
CA ASN A 305 30.13 2.15 14.06
C ASN A 305 29.22 2.34 15.25
N THR A 306 28.10 3.03 15.05
CA THR A 306 27.19 3.28 16.16
C THR A 306 26.64 1.98 16.77
N LEU A 307 26.31 0.99 15.95
CA LEU A 307 25.85 -0.29 16.52
C LEU A 307 26.76 -1.47 16.22
N ASN A 308 27.67 -1.79 17.13
CA ASN A 308 28.51 -2.96 16.96
C ASN A 308 27.70 -4.14 17.40
N LYS A 309 26.50 -3.91 17.92
CA LYS A 309 25.63 -4.99 18.31
C LYS A 309 25.07 -5.70 17.10
N ASN A 310 24.96 -5.02 15.97
CA ASN A 310 24.55 -5.70 14.76
C ASN A 310 25.65 -6.70 14.39
N SER A 311 26.90 -6.26 14.44
CA SER A 311 27.99 -7.19 14.17
C SER A 311 28.03 -8.30 15.19
N GLU A 312 27.63 -8.00 16.43
CA GLU A 312 27.65 -9.00 17.48
C GLU A 312 26.66 -10.11 17.19
N ILE A 313 25.50 -9.78 16.63
CA ILE A 313 24.56 -10.82 16.29
C ILE A 313 24.85 -11.58 15.01
N PHE A 314 25.82 -11.15 14.23
CA PHE A 314 26.15 -11.94 13.06
C PHE A 314 26.87 -13.11 13.64
N SER A 315 27.73 -12.84 14.61
CA SER A 315 28.45 -13.91 15.28
C SER A 315 27.52 -14.80 16.09
N SER A 316 26.44 -14.22 16.60
CA SER A 316 25.46 -15.02 17.34
C SER A 316 24.75 -16.03 16.45
N ILE A 317 24.26 -15.59 15.29
CA ILE A 317 23.63 -16.52 14.38
C ILE A 317 24.66 -17.46 13.72
N LYS A 318 25.91 -17.01 13.61
CA LYS A 318 26.93 -17.90 13.08
C LYS A 318 27.09 -19.08 14.03
N LYS A 319 27.16 -18.79 15.33
CA LYS A 319 27.27 -19.86 16.32
C LYS A 319 26.07 -20.79 16.24
N LEU A 320 24.87 -20.24 16.12
CA LEU A 320 23.67 -21.06 16.05
C LEU A 320 23.68 -22.05 14.89
N GLU A 321 24.27 -21.66 13.77
CA GLU A 321 24.32 -22.55 12.62
C GLU A 321 25.35 -23.67 12.82
N LYS A 322 26.45 -23.39 13.51
CA LYS A 322 27.40 -24.47 13.79
C LYS A 322 26.81 -25.40 14.83
N LEU A 323 25.86 -24.88 15.61
CA LEU A 323 25.19 -25.68 16.63
C LEU A 323 24.00 -26.43 16.04
N PHE A 324 23.77 -26.31 14.74
CA PHE A 324 22.66 -26.97 14.10
C PHE A 324 22.75 -28.48 14.22
N LYS A 325 23.96 -29.01 14.16
CA LYS A 325 24.15 -30.45 14.32
C LYS A 325 23.75 -30.96 15.70
N ASN A 326 23.91 -30.16 16.74
CA ASN A 326 23.47 -30.61 18.05
C ASN A 326 22.01 -30.26 18.29
N PHE A 327 21.46 -29.38 17.48
CA PHE A 327 20.03 -29.10 17.60
C PHE A 327 19.30 -30.26 16.98
N ASP A 328 20.01 -31.06 16.20
CA ASP A 328 19.39 -32.26 15.67
C ASP A 328 19.05 -33.13 16.85
N GLU A 329 20.02 -33.36 17.73
CA GLU A 329 19.79 -34.14 18.94
C GLU A 329 18.62 -33.63 19.77
N TYR A 330 18.52 -32.33 19.96
CA TYR A 330 17.38 -31.77 20.69
C TYR A 330 16.39 -31.13 19.72
N SER A 331 15.51 -31.92 19.10
CA SER A 331 14.48 -31.41 18.18
C SER A 331 14.90 -30.72 16.90
N SER A 332 15.22 -31.49 15.87
CA SER A 332 15.52 -30.89 14.57
C SER A 332 14.19 -30.69 13.92
N ALA A 333 13.21 -31.49 14.30
CA ALA A 333 11.85 -31.29 13.79
C ALA A 333 11.35 -29.97 14.35
N GLY A 334 11.76 -29.63 15.57
CA GLY A 334 11.38 -28.35 16.14
C GLY A 334 11.77 -27.12 15.34
N ILE A 335 12.79 -27.22 14.50
CA ILE A 335 13.17 -26.10 13.65
C ILE A 335 12.28 -26.06 12.42
N PHE A 336 11.48 -25.01 12.29
CA PHE A 336 10.55 -24.92 11.17
C PHE A 336 10.94 -23.82 10.18
N VAL A 337 10.63 -24.01 8.91
CA VAL A 337 10.92 -23.00 7.91
C VAL A 337 9.61 -22.49 7.35
N LYS A 338 9.31 -21.22 7.57
CA LYS A 338 8.03 -20.66 7.13
C LYS A 338 7.70 -20.91 5.67
N ASN A 339 6.57 -21.54 5.42
CA ASN A 339 6.14 -21.77 4.06
C ASN A 339 5.77 -20.46 3.41
N GLY A 340 6.41 -20.16 2.28
CA GLY A 340 6.15 -18.93 1.60
C GLY A 340 7.14 -18.88 0.47
N PRO A 341 7.48 -17.67 0.01
CA PRO A 341 8.47 -17.53 -1.07
C PRO A 341 9.82 -18.11 -0.69
N ALA A 342 10.17 -18.04 0.58
CA ALA A 342 11.46 -18.52 1.03
C ALA A 342 11.59 -20.03 0.89
N ILE A 343 10.49 -20.76 0.89
CA ILE A 343 10.54 -22.20 0.74
C ILE A 343 11.04 -22.58 -0.64
N SER A 344 10.63 -21.85 -1.68
CA SER A 344 11.14 -22.10 -3.03
C SER A 344 12.63 -21.81 -3.09
N THR A 345 13.05 -20.74 -2.45
CA THR A 345 14.46 -20.38 -2.42
C THR A 345 15.24 -21.42 -1.66
N ILE A 346 14.70 -21.87 -0.54
CA ILE A 346 15.39 -22.86 0.28
C ILE A 346 15.47 -24.19 -0.43
N SER A 347 14.50 -24.49 -1.29
CA SER A 347 14.55 -25.72 -2.07
C SER A 347 15.72 -25.65 -3.02
N LYS A 348 15.83 -24.53 -3.75
CA LYS A 348 16.93 -24.35 -4.68
C LYS A 348 18.26 -24.44 -3.98
N ASP A 349 18.33 -23.92 -2.75
CA ASP A 349 19.58 -23.91 -2.03
C ASP A 349 19.98 -25.29 -1.49
N ILE A 350 19.04 -25.97 -0.83
CA ILE A 350 19.36 -27.26 -0.26
C ILE A 350 19.48 -28.30 -1.34
N PHE A 351 18.42 -28.51 -2.10
CA PHE A 351 18.43 -29.56 -3.10
C PHE A 351 19.04 -29.11 -4.41
N GLY A 352 18.22 -28.63 -5.32
CA GLY A 352 18.73 -28.18 -6.59
C GLY A 352 17.83 -27.20 -7.29
N GLU A 353 16.57 -27.57 -7.44
CA GLU A 353 15.65 -26.72 -8.17
C GLU A 353 14.68 -26.11 -7.20
N TRP A 354 13.93 -25.12 -7.67
CA TRP A 354 13.01 -24.43 -6.79
C TRP A 354 11.79 -25.26 -6.48
N ASN A 355 11.44 -26.16 -7.37
CA ASN A 355 10.20 -26.91 -7.20
C ASN A 355 10.37 -28.20 -6.45
N VAL A 356 11.59 -28.58 -6.08
CA VAL A 356 11.76 -29.87 -5.44
C VAL A 356 10.78 -30.05 -4.27
N ILE A 357 10.84 -29.17 -3.28
CA ILE A 357 9.98 -29.28 -2.11
C ILE A 357 8.51 -29.32 -2.47
N ARG A 358 8.08 -28.41 -3.34
CA ARG A 358 6.68 -28.36 -3.70
C ARG A 358 6.25 -29.67 -4.30
N ASP A 359 7.03 -30.23 -5.22
CA ASP A 359 6.71 -31.51 -5.83
C ASP A 359 6.66 -32.63 -4.81
N LYS A 360 7.64 -32.68 -3.91
CA LYS A 360 7.65 -33.71 -2.87
C LYS A 360 6.43 -33.62 -1.96
N TRP A 361 5.90 -32.42 -1.75
CA TRP A 361 4.68 -32.30 -0.96
C TRP A 361 3.47 -32.70 -1.77
N ASN A 362 3.42 -32.29 -3.03
CA ASN A 362 2.27 -32.59 -3.85
C ASN A 362 2.22 -34.09 -4.06
N ALA A 363 3.40 -34.72 -4.01
CA ALA A 363 3.43 -36.15 -4.22
C ALA A 363 2.75 -36.86 -3.09
N GLU A 364 2.90 -36.35 -1.89
CA GLU A 364 2.20 -36.93 -0.76
C GLU A 364 0.72 -36.65 -0.87
N TYR A 365 0.34 -35.49 -1.41
CA TYR A 365 -1.07 -35.21 -1.64
C TYR A 365 -1.56 -36.18 -2.71
N ASP A 366 -0.71 -36.51 -3.68
CA ASP A 366 -1.08 -37.45 -4.74
C ASP A 366 -1.07 -38.90 -4.29
N ASP A 367 -0.64 -39.16 -3.07
CA ASP A 367 -0.71 -40.52 -2.57
C ASP A 367 -2.07 -40.73 -1.97
N ILE A 368 -2.59 -39.73 -1.27
CA ILE A 368 -3.86 -39.89 -0.59
C ILE A 368 -5.03 -39.40 -1.42
N HIS A 369 -5.03 -38.12 -1.78
CA HIS A 369 -6.17 -37.53 -2.48
C HIS A 369 -6.29 -37.89 -3.95
N VAL A 376 -5.14 -35.24 -11.50
CA VAL A 376 -4.41 -34.08 -12.00
C VAL A 376 -5.37 -33.08 -12.63
N THR A 377 -6.63 -33.11 -12.24
CA THR A 377 -7.63 -32.20 -12.81
C THR A 377 -7.38 -30.76 -12.41
N GLU A 378 -7.94 -29.83 -13.19
CA GLU A 378 -7.75 -28.42 -12.91
C GLU A 378 -8.18 -28.08 -11.49
N LYS A 379 -9.39 -28.49 -11.13
CA LYS A 379 -9.88 -28.26 -9.77
C LYS A 379 -9.02 -28.92 -8.71
N TYR A 380 -8.54 -30.13 -8.97
CA TYR A 380 -7.72 -30.83 -8.00
C TYR A 380 -6.50 -30.01 -7.65
N GLU A 381 -5.85 -29.44 -8.65
CA GLU A 381 -4.64 -28.65 -8.41
C GLU A 381 -4.92 -27.39 -7.63
N ASP A 382 -6.11 -26.81 -7.81
CA ASP A 382 -6.47 -25.65 -7.01
C ASP A 382 -6.45 -26.01 -5.53
N ASP A 383 -7.15 -27.09 -5.16
CA ASP A 383 -7.17 -27.52 -3.77
C ASP A 383 -5.81 -27.92 -3.25
N ARG A 384 -4.97 -28.50 -4.08
CA ARG A 384 -3.61 -28.85 -3.67
C ARG A 384 -2.86 -27.61 -3.20
N ARG A 385 -2.86 -26.57 -4.03
CA ARG A 385 -2.14 -25.34 -3.68
C ARG A 385 -2.76 -24.67 -2.48
N LYS A 386 -4.09 -24.71 -2.38
CA LYS A 386 -4.77 -24.13 -1.24
C LYS A 386 -4.22 -24.73 0.04
N SER A 387 -4.10 -26.05 0.07
CA SER A 387 -3.56 -26.72 1.24
C SER A 387 -2.09 -26.42 1.49
N PHE A 388 -1.30 -26.29 0.42
CA PHE A 388 0.12 -25.97 0.57
C PHE A 388 0.27 -24.58 1.16
N LYS A 389 -0.55 -23.65 0.70
CA LYS A 389 -0.51 -22.30 1.24
C LYS A 389 -0.90 -22.31 2.70
N LYS A 390 -1.87 -23.15 3.06
CA LYS A 390 -2.30 -23.24 4.45
C LYS A 390 -1.21 -23.79 5.35
N ILE A 391 -0.36 -24.68 4.83
CA ILE A 391 0.74 -25.15 5.64
C ILE A 391 1.52 -23.91 6.06
N GLY A 392 1.69 -23.72 7.35
CA GLY A 392 2.37 -22.53 7.82
C GLY A 392 3.86 -22.64 7.79
N SER A 393 4.39 -23.83 8.08
CA SER A 393 5.82 -24.00 8.14
C SER A 393 6.19 -25.43 7.91
N PHE A 394 7.44 -25.67 7.54
CA PHE A 394 7.89 -27.02 7.28
C PHE A 394 9.01 -27.35 8.21
N SER A 395 8.87 -28.42 8.97
CA SER A 395 9.91 -28.82 9.89
C SER A 395 11.15 -29.25 9.12
N LEU A 396 12.30 -29.25 9.78
CA LEU A 396 13.51 -29.59 9.08
C LEU A 396 13.51 -31.07 8.79
N GLU A 397 12.91 -31.86 9.68
CA GLU A 397 12.81 -33.30 9.47
C GLU A 397 11.87 -33.61 8.34
N GLN A 398 10.81 -32.83 8.21
CA GLN A 398 9.87 -33.00 7.12
C GLN A 398 10.61 -32.81 5.80
N LEU A 399 11.57 -31.89 5.80
CA LEU A 399 12.34 -31.63 4.60
C LEU A 399 13.40 -32.70 4.40
N GLN A 400 13.87 -33.32 5.48
CA GLN A 400 14.82 -34.42 5.35
C GLN A 400 14.09 -35.63 4.80
N GLU A 401 12.78 -35.69 4.99
CA GLU A 401 11.99 -36.78 4.45
C GLU A 401 11.70 -36.44 3.01
N TYR A 402 11.55 -35.15 2.71
CA TYR A 402 11.29 -34.71 1.35
C TYR A 402 12.59 -34.61 0.58
N ALA A 403 13.69 -35.00 1.21
CA ALA A 403 14.96 -35.00 0.51
C ALA A 403 14.85 -36.07 -0.54
N ASP A 404 15.07 -35.68 -1.79
CA ASP A 404 14.98 -36.63 -2.88
C ASP A 404 15.95 -37.79 -2.68
N ALA A 405 17.18 -37.49 -2.28
CA ALA A 405 18.18 -38.54 -2.10
C ALA A 405 18.95 -38.43 -0.80
N ASP A 406 20.28 -38.41 -0.88
CA ASP A 406 21.10 -38.39 0.33
C ASP A 406 21.51 -36.99 0.75
N LEU A 407 20.53 -36.11 0.91
CA LEU A 407 20.83 -34.74 1.29
C LEU A 407 20.48 -34.53 2.75
N SER A 408 21.44 -34.08 3.54
CA SER A 408 21.16 -33.76 4.93
C SER A 408 20.71 -32.31 5.00
N VAL A 409 19.40 -32.06 4.92
CA VAL A 409 18.86 -30.71 4.94
C VAL A 409 19.50 -29.80 5.98
N VAL A 410 19.54 -30.24 7.24
CA VAL A 410 20.10 -29.42 8.31
C VAL A 410 21.55 -29.03 8.06
N GLU A 411 22.37 -29.97 7.63
CA GLU A 411 23.78 -29.68 7.43
C GLU A 411 24.00 -28.89 6.17
N LYS A 412 23.15 -29.10 5.17
CA LYS A 412 23.26 -28.32 3.94
C LYS A 412 22.95 -26.89 4.27
N LEU A 413 21.92 -26.67 5.08
CA LEU A 413 21.56 -25.33 5.48
C LEU A 413 22.74 -24.69 6.15
N LYS A 414 23.37 -25.40 7.08
CA LYS A 414 24.57 -24.88 7.76
C LYS A 414 25.62 -24.33 6.78
N GLU A 415 25.87 -25.04 5.70
CA GLU A 415 26.81 -24.54 4.70
C GLU A 415 26.36 -23.23 4.12
N ILE A 416 25.10 -23.17 3.69
CA ILE A 416 24.56 -21.93 3.12
C ILE A 416 24.71 -20.75 4.07
N ILE A 417 24.32 -20.90 5.33
CA ILE A 417 24.39 -19.74 6.21
C ILE A 417 25.83 -19.31 6.49
N ILE A 418 26.74 -20.24 6.69
CA ILE A 418 28.13 -19.83 6.89
C ILE A 418 28.66 -19.06 5.67
N GLN A 419 28.23 -19.43 4.48
CA GLN A 419 28.66 -18.72 3.28
C GLN A 419 28.14 -17.29 3.33
N LYS A 420 26.89 -17.13 3.71
CA LYS A 420 26.32 -15.80 3.83
C LYS A 420 27.03 -14.91 4.86
N VAL A 421 27.38 -15.45 6.01
CA VAL A 421 28.03 -14.63 7.02
C VAL A 421 29.42 -14.22 6.54
N ASP A 422 30.07 -15.10 5.80
CA ASP A 422 31.38 -14.76 5.26
C ASP A 422 31.28 -13.66 4.22
N GLU A 423 30.19 -13.62 3.46
CA GLU A 423 29.98 -12.55 2.48
C GLU A 423 29.79 -11.21 3.19
N ILE A 424 29.12 -11.20 4.34
CA ILE A 424 28.95 -9.97 5.09
C ILE A 424 30.34 -9.51 5.48
N TYR A 425 31.16 -10.43 5.94
CA TYR A 425 32.50 -10.07 6.38
C TYR A 425 33.38 -9.59 5.25
N LYS A 426 33.04 -9.95 4.01
CA LYS A 426 33.80 -9.48 2.87
C LYS A 426 33.56 -7.98 2.66
N VAL A 427 32.31 -7.56 2.78
CA VAL A 427 32.03 -6.13 2.67
C VAL A 427 32.42 -5.38 3.94
N TYR A 428 32.63 -6.10 5.04
CA TYR A 428 33.10 -5.47 6.26
C TYR A 428 34.55 -5.11 6.10
N GLY A 429 35.28 -5.89 5.31
CA GLY A 429 36.67 -5.56 5.05
C GLY A 429 36.73 -4.37 4.14
N SER A 430 35.80 -4.28 3.20
CA SER A 430 35.78 -3.17 2.26
C SER A 430 35.22 -1.87 2.84
N SER A 431 34.73 -1.90 4.07
CA SER A 431 34.11 -0.71 4.63
C SER A 431 34.90 -0.10 5.76
N GLU A 432 36.13 -0.55 5.95
CA GLU A 432 36.90 -0.05 7.07
C GLU A 432 37.15 1.45 7.04
N LYS A 433 37.48 2.00 5.87
CA LYS A 433 37.67 3.44 5.76
C LYS A 433 36.44 4.22 6.22
N LEU A 434 35.25 3.83 5.78
CA LEU A 434 34.03 4.52 6.20
C LEU A 434 33.86 4.48 7.70
N PHE A 435 34.25 3.37 8.33
CA PHE A 435 34.12 3.25 9.76
C PHE A 435 35.12 4.07 10.53
N ASP A 436 36.30 4.28 9.96
CA ASP A 436 37.36 5.02 10.65
C ASP A 436 36.88 6.35 11.17
N ALA A 437 37.27 6.68 12.40
CA ALA A 437 36.89 7.96 12.97
C ALA A 437 37.53 9.07 12.17
N ASP A 438 38.73 8.82 11.64
CA ASP A 438 39.39 9.81 10.80
C ASP A 438 39.06 9.65 9.33
N PHE A 439 37.78 9.54 9.00
CA PHE A 439 37.39 9.47 7.60
C PHE A 439 36.98 10.88 7.19
N VAL A 440 37.27 11.24 5.94
CA VAL A 440 36.91 12.57 5.46
C VAL A 440 35.91 12.52 4.32
N LEU A 441 34.79 13.20 4.49
CA LEU A 441 33.80 13.26 3.42
C LEU A 441 34.22 14.32 2.42
N GLU A 442 34.61 13.91 1.21
CA GLU A 442 35.04 14.86 0.20
C GLU A 442 33.85 15.54 -0.43
N LYS A 443 33.25 14.91 -1.42
CA LYS A 443 32.12 15.51 -2.09
C LYS A 443 30.81 15.05 -1.49
N SER A 444 30.49 15.53 -0.28
CA SER A 444 29.21 15.19 0.35
C SER A 444 28.90 13.70 0.46
N LEU A 445 27.62 13.36 0.52
CA LEU A 445 27.24 11.96 0.57
C LEU A 445 26.13 11.90 -0.44
N LYS A 446 26.02 12.93 -1.24
CA LYS A 446 25.02 12.96 -2.29
C LYS A 446 25.78 13.19 -3.58
N LYS A 447 27.11 13.03 -3.52
CA LYS A 447 27.93 13.20 -4.72
C LYS A 447 29.15 12.32 -4.61
N ASN A 448 29.32 11.69 -3.46
CA ASN A 448 30.43 10.78 -3.27
C ASN A 448 29.93 9.39 -3.54
N ASP A 449 29.73 9.05 -4.80
CA ASP A 449 29.15 7.76 -5.13
C ASP A 449 30.00 6.56 -4.75
N ALA A 450 31.28 6.77 -4.46
CA ALA A 450 32.12 5.67 -4.00
C ALA A 450 31.74 5.36 -2.56
N VAL A 451 31.64 6.40 -1.73
CA VAL A 451 31.26 6.22 -0.34
C VAL A 451 29.83 5.72 -0.23
N VAL A 452 28.94 6.22 -1.07
CA VAL A 452 27.56 5.74 -1.07
C VAL A 452 27.56 4.24 -1.37
N ALA A 453 28.39 3.82 -2.31
CA ALA A 453 28.44 2.42 -2.68
C ALA A 453 28.90 1.56 -1.54
N ILE A 454 29.90 2.01 -0.79
CA ILE A 454 30.38 1.25 0.35
C ILE A 454 29.25 1.03 1.32
N MET A 455 28.52 2.08 1.67
CA MET A 455 27.36 1.95 2.54
C MET A 455 26.34 0.97 2.00
N LYS A 456 25.87 1.20 0.78
CA LYS A 456 24.88 0.32 0.16
C LYS A 456 25.29 -1.12 0.18
N ASP A 457 26.51 -1.43 -0.21
CA ASP A 457 26.94 -2.81 -0.31
C ASP A 457 26.93 -3.55 1.00
N LEU A 458 27.46 -2.92 2.05
CA LEU A 458 27.43 -3.54 3.36
C LEU A 458 26.01 -3.71 3.81
N LEU A 459 25.24 -2.65 3.70
CA LEU A 459 23.85 -2.72 4.10
C LEU A 459 23.14 -3.87 3.41
N ASP A 460 23.34 -4.03 2.12
CA ASP A 460 22.73 -5.13 1.38
C ASP A 460 23.16 -6.51 1.84
N SER A 461 24.45 -6.69 2.12
CA SER A 461 24.94 -7.97 2.64
C SER A 461 24.27 -8.34 3.95
N VAL A 462 24.23 -7.41 4.89
CA VAL A 462 23.57 -7.64 6.15
C VAL A 462 22.09 -7.91 5.94
N LYS A 463 21.43 -7.09 5.12
CA LYS A 463 20.00 -7.25 4.91
C LYS A 463 19.67 -8.59 4.31
N SER A 464 20.49 -9.06 3.39
CA SER A 464 20.22 -10.34 2.73
C SER A 464 20.36 -11.50 3.69
N PHE A 465 21.37 -11.48 4.55
CA PHE A 465 21.52 -12.52 5.54
C PHE A 465 20.30 -12.53 6.43
N GLU A 466 19.95 -11.37 6.97
CA GLU A 466 18.76 -11.26 7.80
C GLU A 466 17.49 -11.80 7.12
N ASN A 467 17.28 -11.46 5.87
CA ASN A 467 16.09 -11.91 5.15
C ASN A 467 16.04 -13.41 4.94
N TYR A 468 17.20 -14.02 4.74
CA TYR A 468 17.27 -15.44 4.54
C TYR A 468 17.02 -16.14 5.85
N ILE A 469 17.60 -15.64 6.93
CA ILE A 469 17.47 -16.27 8.22
C ILE A 469 16.08 -16.09 8.81
N LYS A 470 15.31 -15.13 8.29
CA LYS A 470 13.97 -14.86 8.77
C LYS A 470 13.08 -16.09 8.75
N ALA A 471 13.12 -16.83 7.65
CA ALA A 471 12.27 -18.00 7.51
C ALA A 471 12.55 -19.12 8.48
N PHE A 472 13.72 -19.12 9.11
CA PHE A 472 14.11 -20.19 10.02
C PHE A 472 13.38 -20.10 11.34
N PHE A 473 12.40 -19.21 11.43
CA PHE A 473 11.60 -19.10 12.62
C PHE A 473 10.42 -20.03 12.49
N GLY A 474 9.69 -19.94 11.39
CA GLY A 474 8.51 -20.75 11.24
C GLY A 474 7.34 -19.81 11.35
N GLU A 475 6.12 -20.35 11.42
CA GLU A 475 4.94 -19.50 11.47
C GLU A 475 4.75 -18.80 12.81
N GLY A 476 5.54 -19.17 13.81
CA GLY A 476 5.41 -18.56 15.12
C GLY A 476 4.83 -19.49 16.16
N LYS A 477 3.66 -20.04 15.88
CA LYS A 477 3.00 -20.88 16.89
C LYS A 477 3.10 -22.37 16.61
N GLU A 478 4.28 -22.94 16.81
CA GLU A 478 4.43 -24.38 16.64
C GLU A 478 4.48 -25.04 17.99
N THR A 479 4.31 -26.35 18.03
CA THR A 479 4.37 -27.07 19.29
C THR A 479 5.81 -27.40 19.66
N ASN A 480 6.42 -28.30 18.89
CA ASN A 480 7.81 -28.62 19.13
C ASN A 480 8.60 -27.49 18.54
N ARG A 481 9.37 -26.81 19.37
CA ARG A 481 10.18 -25.70 18.91
C ARG A 481 11.36 -25.72 19.83
N ASP A 482 12.46 -26.29 19.37
CA ASP A 482 13.66 -26.34 20.18
C ASP A 482 13.95 -24.97 20.77
N GLU A 483 13.78 -24.80 22.08
CA GLU A 483 13.98 -23.49 22.69
C GLU A 483 15.45 -23.19 22.83
N SER A 484 16.29 -24.22 22.76
CA SER A 484 17.72 -23.98 22.80
C SER A 484 18.19 -23.39 21.48
N PHE A 485 17.33 -23.40 20.45
CA PHE A 485 17.68 -22.74 19.20
C PHE A 485 16.84 -21.49 19.23
N TYR A 486 15.53 -21.66 19.36
CA TYR A 486 14.61 -20.54 19.35
C TYR A 486 14.59 -19.77 20.64
N GLY A 487 15.74 -19.52 21.22
CA GLY A 487 15.79 -18.70 22.40
C GLY A 487 16.82 -17.67 22.05
N ASP A 488 17.97 -18.16 21.61
CA ASP A 488 19.04 -17.25 21.22
C ASP A 488 18.85 -16.76 19.79
N PHE A 489 18.13 -17.53 18.98
CA PHE A 489 17.86 -17.10 17.63
C PHE A 489 17.00 -15.88 17.71
N VAL A 490 15.92 -15.94 18.46
CA VAL A 490 15.00 -14.80 18.50
C VAL A 490 15.68 -13.57 19.05
N LEU A 491 16.59 -13.77 19.99
CA LEU A 491 17.32 -12.64 20.56
C LEU A 491 18.12 -11.96 19.48
N ALA A 492 18.99 -12.72 18.81
CA ALA A 492 19.80 -12.15 17.74
C ALA A 492 19.02 -11.61 16.56
N TYR A 493 17.98 -12.31 16.14
CA TYR A 493 17.24 -11.89 14.96
C TYR A 493 16.46 -10.61 15.22
N ASP A 494 16.04 -10.39 16.46
CA ASP A 494 15.36 -9.13 16.76
C ASP A 494 16.33 -7.96 16.63
N ILE A 495 17.58 -8.15 17.06
CA ILE A 495 18.57 -7.08 16.89
C ILE A 495 18.98 -6.93 15.43
N LEU A 496 18.91 -8.01 14.64
CA LEU A 496 19.24 -7.93 13.22
C LEU A 496 18.16 -7.21 12.47
N LEU A 497 16.91 -7.37 12.91
CA LEU A 497 15.79 -6.77 12.21
C LEU A 497 15.89 -5.26 12.22
N LYS A 498 16.64 -4.72 13.16
CA LYS A 498 16.86 -3.29 13.21
C LYS A 498 17.51 -2.72 11.95
N VAL A 499 18.30 -3.51 11.24
CA VAL A 499 19.00 -3.04 10.03
C VAL A 499 18.08 -2.57 8.91
N ASP A 500 16.82 -2.98 8.92
CA ASP A 500 15.88 -2.50 7.94
C ASP A 500 15.64 -1.03 8.14
N HIS A 501 15.68 -0.56 9.39
CA HIS A 501 15.56 0.85 9.66
C HIS A 501 16.78 1.58 9.15
N ILE A 502 17.95 1.18 9.62
CA ILE A 502 19.18 1.82 9.22
C ILE A 502 19.29 1.89 7.70
N TYR A 503 18.98 0.80 7.01
CA TYR A 503 18.97 0.80 5.55
C TYR A 503 18.11 1.91 5.02
N ASP A 504 16.84 1.90 5.38
CA ASP A 504 15.92 2.90 4.87
C ASP A 504 16.35 4.31 5.17
N ALA A 505 16.86 4.56 6.36
CA ALA A 505 17.29 5.88 6.73
C ALA A 505 18.46 6.39 5.91
N ILE A 506 19.49 5.57 5.74
CA ILE A 506 20.65 5.97 4.97
C ILE A 506 20.25 6.12 3.51
N ARG A 507 19.39 5.23 3.03
CA ARG A 507 18.95 5.30 1.67
C ARG A 507 18.23 6.58 1.43
N ASN A 508 17.31 6.92 2.32
CA ASN A 508 16.51 8.11 2.15
C ASN A 508 17.31 9.39 2.22
N TYR A 509 18.39 9.42 2.99
CA TYR A 509 19.24 10.59 3.00
C TYR A 509 19.94 10.75 1.67
N VAL A 510 20.47 9.66 1.14
CA VAL A 510 21.16 9.71 -0.14
C VAL A 510 20.21 10.01 -1.30
N THR A 511 19.04 9.41 -1.29
CA THR A 511 18.11 9.58 -2.41
C THR A 511 17.17 10.77 -2.26
N GLN A 512 17.40 11.61 -1.26
CA GLN A 512 16.56 12.79 -1.01
C GLN A 512 16.57 13.82 -2.12
N LYS A 513 15.54 14.66 -2.17
CA LYS A 513 15.53 15.76 -3.12
C LYS A 513 16.36 16.83 -2.46
N PRO A 514 17.06 17.66 -3.25
CA PRO A 514 17.96 18.65 -2.66
C PRO A 514 17.31 19.69 -1.75
N TYR A 515 16.00 19.79 -1.77
CA TYR A 515 15.31 20.77 -0.98
C TYR A 515 14.48 20.15 0.11
N SER A 516 13.67 20.96 0.76
CA SER A 516 12.79 20.47 1.79
C SER A 516 11.40 20.94 1.51
N LYS A 517 10.43 20.20 2.00
CA LYS A 517 9.05 20.56 1.79
C LYS A 517 8.42 20.70 3.14
N ASP A 518 9.24 21.01 4.14
CA ASP A 518 8.75 21.17 5.50
C ASP A 518 8.06 22.48 5.76
N LYS A 519 6.80 22.42 6.17
CA LYS A 519 6.04 23.62 6.40
C LYS A 519 5.58 23.71 7.84
N PHE A 520 5.01 24.83 8.24
CA PHE A 520 4.46 24.96 9.58
C PHE A 520 3.15 25.67 9.50
N LYS A 521 2.17 25.20 10.26
CA LYS A 521 0.86 25.81 10.26
C LYS A 521 0.81 27.17 10.87
N LEU A 522 0.17 28.09 10.18
CA LEU A 522 0.06 29.45 10.65
C LEU A 522 -1.32 29.65 11.20
N TYR A 523 -1.41 30.36 12.31
CA TYR A 523 -2.68 30.55 12.97
C TYR A 523 -3.05 32.00 12.99
N PHE A 524 -2.09 32.88 12.79
CA PHE A 524 -2.32 34.31 12.84
C PHE A 524 -2.88 34.68 14.20
N GLN A 525 -2.29 34.14 15.26
CA GLN A 525 -2.78 34.35 16.63
C GLN A 525 -4.29 34.13 16.80
N ASN A 526 -4.85 33.17 16.09
CA ASN A 526 -6.26 32.86 16.19
C ASN A 526 -6.30 31.35 16.14
N PRO A 527 -6.66 30.70 17.24
CA PRO A 527 -6.78 29.24 17.22
C PRO A 527 -7.92 28.73 16.34
N GLN A 528 -8.85 29.59 15.95
CA GLN A 528 -9.96 29.18 15.09
C GLN A 528 -9.77 29.71 13.70
N PHE A 529 -8.54 30.00 13.33
CA PHE A 529 -8.23 30.55 12.03
C PHE A 529 -8.72 29.72 10.87
N MET A 530 -9.41 30.34 9.93
CA MET A 530 -9.91 29.65 8.75
C MET A 530 -10.60 28.33 9.01
N GLY A 531 -11.38 28.25 10.08
CA GLY A 531 -12.03 27.01 10.45
C GLY A 531 -13.27 26.80 9.63
N GLY A 532 -13.61 27.80 8.86
CA GLY A 532 -14.74 27.67 7.99
C GLY A 532 -14.77 28.95 7.22
N TRP A 533 -15.85 29.17 6.48
CA TRP A 533 -15.94 30.34 5.66
C TRP A 533 -17.23 31.01 5.95
N ASP A 534 -17.89 30.58 7.02
CA ASP A 534 -19.18 31.14 7.40
C ASP A 534 -19.12 32.63 7.64
N LYS A 535 -20.07 33.36 7.07
CA LYS A 535 -20.11 34.80 7.26
C LYS A 535 -20.40 35.13 8.69
N ASP A 536 -21.20 34.31 9.34
CA ASP A 536 -21.56 34.54 10.73
C ASP A 536 -20.37 34.45 11.67
N LYS A 537 -19.37 33.68 11.29
CA LYS A 537 -18.19 33.60 12.13
C LYS A 537 -16.96 34.21 11.49
N GLU A 538 -17.14 35.29 10.74
CA GLU A 538 -16.00 35.97 10.12
C GLU A 538 -15.14 36.74 11.09
N THR A 539 -15.55 36.84 12.34
CA THR A 539 -14.77 37.53 13.36
C THR A 539 -14.10 36.49 14.20
N ASP A 540 -14.40 35.22 13.94
CA ASP A 540 -13.81 34.15 14.71
C ASP A 540 -12.83 33.41 13.84
N TYR A 541 -13.17 33.27 12.57
CA TYR A 541 -12.28 32.60 11.65
C TYR A 541 -11.33 33.64 11.17
N ARG A 542 -11.81 34.87 11.02
CA ARG A 542 -10.98 36.00 10.59
C ARG A 542 -10.27 35.72 9.28
N ALA A 543 -10.98 35.14 8.33
CA ALA A 543 -10.38 34.81 7.05
C ALA A 543 -11.45 34.69 5.99
N THR A 544 -11.26 35.35 4.86
CA THR A 544 -12.22 35.28 3.79
C THR A 544 -11.55 35.27 2.44
N ILE A 545 -12.26 34.83 1.43
CA ILE A 545 -11.73 34.82 0.08
C ILE A 545 -12.25 36.02 -0.69
N LEU A 546 -11.36 36.90 -1.11
CA LEU A 546 -11.74 38.05 -1.92
C LEU A 546 -11.47 37.70 -3.37
N ARG A 547 -11.91 38.55 -4.29
CA ARG A 547 -11.72 38.28 -5.71
C ARG A 547 -11.73 39.54 -6.55
N TYR A 548 -10.63 39.83 -7.23
CA TYR A 548 -10.61 40.97 -8.13
C TYR A 548 -10.38 40.51 -9.54
N GLY A 549 -11.44 40.40 -10.32
CA GLY A 549 -11.30 40.00 -11.70
C GLY A 549 -11.14 38.50 -11.84
N SER A 550 -9.91 38.04 -12.01
CA SER A 550 -9.65 36.63 -12.13
C SER A 550 -8.61 36.30 -11.10
N LYS A 551 -8.30 37.26 -10.25
CA LYS A 551 -7.35 37.04 -9.22
C LYS A 551 -8.14 36.76 -7.98
N TYR A 552 -7.73 35.77 -7.21
CA TYR A 552 -8.48 35.38 -6.05
C TYR A 552 -7.59 35.64 -4.89
N TYR A 553 -8.16 36.05 -3.78
CA TYR A 553 -7.34 36.44 -2.64
C TYR A 553 -7.74 35.82 -1.35
N LEU A 554 -6.83 35.81 -0.39
CA LEU A 554 -7.15 35.31 0.94
C LEU A 554 -6.92 36.47 1.88
N ALA A 555 -7.99 37.09 2.35
CA ALA A 555 -7.87 38.20 3.28
C ALA A 555 -7.97 37.71 4.68
N ILE A 556 -7.03 38.09 5.53
CA ILE A 556 -7.06 37.69 6.92
C ILE A 556 -7.13 38.90 7.81
N MET A 557 -8.22 39.06 8.55
CA MET A 557 -8.40 40.20 9.44
C MET A 557 -7.43 40.10 10.60
N ASP A 558 -7.03 41.24 11.15
CA ASP A 558 -6.13 41.24 12.29
C ASP A 558 -6.91 41.00 13.58
N LYS A 559 -6.22 40.58 14.63
CA LYS A 559 -6.88 40.33 15.91
C LYS A 559 -7.59 41.57 16.42
N LYS A 560 -6.90 42.71 16.39
CA LYS A 560 -7.49 43.95 16.86
C LYS A 560 -8.53 44.51 15.91
N TYR A 561 -8.43 44.20 14.62
CA TYR A 561 -9.36 44.74 13.64
C TYR A 561 -10.07 43.62 12.95
N ALA A 562 -10.89 42.87 13.67
CA ALA A 562 -11.55 41.71 13.11
C ALA A 562 -12.80 42.05 12.34
N LYS A 563 -13.32 43.24 12.56
CA LYS A 563 -14.54 43.64 11.90
C LYS A 563 -14.22 44.58 10.79
N CYS A 564 -12.94 44.78 10.50
CA CYS A 564 -12.53 45.72 9.47
C CYS A 564 -13.19 45.57 8.10
N LEU A 565 -13.30 44.36 7.59
CA LEU A 565 -13.87 44.15 6.27
C LEU A 565 -15.37 44.15 6.30
N GLN A 566 -15.93 44.06 7.50
CA GLN A 566 -17.37 44.09 7.64
C GLN A 566 -17.84 45.52 7.56
N LYS A 567 -16.96 46.46 7.82
CA LYS A 567 -17.30 47.87 7.70
C LYS A 567 -17.18 48.39 6.28
N ILE A 568 -16.30 47.79 5.48
CA ILE A 568 -16.05 48.29 4.13
C ILE A 568 -17.26 48.13 3.22
N ASP A 569 -17.66 49.20 2.55
CA ASP A 569 -18.77 49.14 1.62
C ASP A 569 -18.28 49.38 0.22
N LYS A 570 -19.15 49.26 -0.76
CA LYS A 570 -18.73 49.41 -2.15
C LYS A 570 -18.33 50.80 -2.60
N ASP A 571 -17.60 50.87 -3.71
CA ASP A 571 -17.23 52.15 -4.27
C ASP A 571 -17.82 52.15 -5.64
N ASP A 572 -19.07 52.60 -5.76
CA ASP A 572 -19.77 52.60 -7.04
C ASP A 572 -18.92 53.05 -8.22
N VAL A 573 -18.28 54.20 -8.11
CA VAL A 573 -17.44 54.69 -9.19
C VAL A 573 -16.10 53.99 -9.34
N ASN A 574 -15.43 53.70 -8.23
CA ASN A 574 -14.09 53.12 -8.32
C ASN A 574 -14.00 51.60 -8.38
N GLY A 575 -12.82 51.06 -8.11
CA GLY A 575 -12.64 49.63 -8.16
C GLY A 575 -13.27 48.89 -6.99
N ASN A 576 -13.49 47.60 -7.15
CA ASN A 576 -14.16 46.83 -6.11
C ASN A 576 -13.66 45.42 -5.95
N TYR A 577 -13.34 45.02 -4.74
CA TYR A 577 -12.97 43.65 -4.48
C TYR A 577 -14.30 42.96 -4.22
N GLU A 578 -14.43 41.69 -4.56
CA GLU A 578 -15.65 40.97 -4.26
C GLU A 578 -15.41 39.99 -3.15
N LYS A 579 -16.06 40.19 -2.01
CA LYS A 579 -15.89 39.30 -0.87
C LYS A 579 -16.91 38.19 -0.95
N ILE A 580 -16.51 36.97 -0.60
CA ILE A 580 -17.41 35.85 -0.67
C ILE A 580 -18.43 35.82 0.46
N ASN A 581 -19.65 35.41 0.14
CA ASN A 581 -20.66 35.28 1.16
C ASN A 581 -20.91 33.80 1.19
N TYR A 582 -20.23 33.09 2.09
CA TYR A 582 -20.36 31.65 2.13
C TYR A 582 -21.37 31.18 3.14
N LYS A 583 -22.39 30.48 2.66
CA LYS A 583 -23.41 29.97 3.54
C LYS A 583 -23.53 28.48 3.38
N LEU A 584 -23.51 27.75 4.48
CA LEU A 584 -23.68 26.30 4.42
C LEU A 584 -24.36 25.71 5.64
N LEU A 585 -25.43 24.94 5.44
CA LEU A 585 -26.05 24.25 6.55
C LEU A 585 -25.35 22.91 6.61
N PRO A 586 -24.64 22.66 7.72
CA PRO A 586 -23.82 21.43 7.79
C PRO A 586 -24.52 20.20 8.31
N GLY A 587 -25.09 19.39 7.42
CA GLY A 587 -25.68 18.14 7.85
C GLY A 587 -27.03 18.28 8.50
N PRO A 588 -28.08 18.44 7.70
CA PRO A 588 -29.43 18.64 8.22
C PRO A 588 -29.88 17.51 9.08
N ASN A 589 -29.52 16.28 8.72
CA ASN A 589 -29.88 15.10 9.49
C ASN A 589 -29.53 15.15 10.96
N LYS A 590 -28.52 15.94 11.32
CA LYS A 590 -28.13 16.08 12.71
C LYS A 590 -28.36 17.49 13.21
N MET A 591 -28.12 18.49 12.37
CA MET A 591 -28.27 19.89 12.76
C MET A 591 -29.66 20.16 13.24
N LEU A 592 -30.63 19.98 12.35
CA LEU A 592 -32.02 20.21 12.70
C LEU A 592 -32.46 19.50 14.00
N PRO A 593 -32.35 18.16 14.09
CA PRO A 593 -32.76 17.55 15.37
C PRO A 593 -32.08 18.14 16.60
N LYS A 594 -30.75 18.20 16.59
CA LYS A 594 -30.03 18.76 17.73
C LYS A 594 -30.54 20.12 18.17
N VAL A 595 -30.57 21.10 17.28
CA VAL A 595 -30.94 22.46 17.69
C VAL A 595 -32.42 22.74 17.87
N PHE A 596 -33.28 21.81 17.47
CA PHE A 596 -34.70 22.11 17.55
C PHE A 596 -35.38 21.32 18.65
N PHE A 597 -34.83 20.16 18.99
CA PHE A 597 -35.40 19.38 20.08
C PHE A 597 -34.78 19.86 21.37
N SER A 598 -33.72 20.66 21.24
CA SER A 598 -33.01 21.15 22.40
C SER A 598 -33.85 21.85 23.46
N LYS A 599 -33.36 21.86 24.70
CA LYS A 599 -34.06 22.53 25.79
C LYS A 599 -34.08 24.03 25.59
N LYS A 600 -33.17 24.56 24.77
CA LYS A 600 -33.19 25.98 24.45
C LYS A 600 -34.39 26.18 23.57
N TRP A 601 -34.55 25.31 22.58
CA TRP A 601 -35.68 25.41 21.67
C TRP A 601 -36.97 24.85 22.25
N MET A 602 -36.98 24.55 23.55
CA MET A 602 -38.21 24.11 24.18
C MET A 602 -39.00 25.35 24.60
N ALA A 603 -39.23 26.28 23.67
CA ALA A 603 -39.94 27.51 23.97
C ALA A 603 -40.63 27.99 22.71
N TYR A 604 -39.85 28.41 21.72
CA TYR A 604 -40.41 28.91 20.46
C TYR A 604 -41.27 27.85 19.82
N TYR A 605 -40.65 26.75 19.42
CA TYR A 605 -41.43 25.63 18.89
C TYR A 605 -41.18 24.47 19.83
N ASN A 606 -41.54 24.63 21.09
CA ASN A 606 -41.36 23.59 22.09
C ASN A 606 -41.83 22.21 21.68
N PRO A 607 -40.92 21.22 21.74
CA PRO A 607 -41.39 19.87 21.48
C PRO A 607 -41.55 19.14 22.82
N SER A 608 -42.51 18.23 22.90
CA SER A 608 -42.75 17.55 24.16
C SER A 608 -41.75 16.44 24.42
N GLU A 609 -41.78 15.89 25.63
CA GLU A 609 -40.86 14.81 25.99
C GLU A 609 -41.12 13.53 25.20
N ASP A 610 -42.31 13.38 24.63
CA ASP A 610 -42.60 12.22 23.80
C ASP A 610 -41.78 12.33 22.54
N ILE A 611 -41.71 13.55 21.98
CA ILE A 611 -40.93 13.77 20.78
C ILE A 611 -39.45 13.82 21.12
N GLN A 612 -39.13 14.09 22.37
CA GLN A 612 -37.73 14.07 22.79
C GLN A 612 -37.28 12.63 22.90
N LYS A 613 -38.21 11.73 23.23
CA LYS A 613 -37.88 10.31 23.29
C LYS A 613 -37.89 9.75 21.88
N ILE A 614 -38.59 10.41 20.95
CA ILE A 614 -38.54 9.99 19.57
C ILE A 614 -37.13 10.31 19.11
N TYR A 615 -36.63 11.47 19.53
CA TYR A 615 -35.29 11.87 19.18
C TYR A 615 -34.25 11.03 19.94
N LYS A 616 -34.64 10.45 21.07
CA LYS A 616 -33.70 9.69 21.90
C LYS A 616 -33.68 8.20 21.59
N ASN A 617 -34.68 7.45 22.03
CA ASN A 617 -34.74 5.99 21.86
C ASN A 617 -34.14 5.45 20.56
N GLY A 618 -34.63 5.93 19.43
CA GLY A 618 -34.15 5.45 18.15
C GLY A 618 -35.32 5.48 17.22
N THR A 619 -36.38 6.14 17.66
CA THR A 619 -37.59 6.20 16.86
C THR A 619 -37.35 6.84 15.51
N PHE A 620 -36.96 8.11 15.49
CA PHE A 620 -36.80 8.80 14.21
C PHE A 620 -35.62 8.28 13.39
N LYS A 621 -34.66 7.64 14.04
CA LYS A 621 -33.49 7.15 13.33
C LYS A 621 -33.80 5.93 12.50
N LYS A 622 -34.04 4.80 13.16
CA LYS A 622 -34.28 3.55 12.43
C LYS A 622 -35.21 2.61 13.15
N GLY A 623 -34.99 1.31 12.96
CA GLY A 623 -35.81 0.31 13.62
C GLY A 623 -37.22 0.18 13.08
N ASP A 624 -38.08 -0.47 13.84
CA ASP A 624 -39.46 -0.61 13.44
C ASP A 624 -40.27 0.45 14.15
N MET A 625 -39.56 1.40 14.76
CA MET A 625 -40.23 2.49 15.45
C MET A 625 -40.44 3.61 14.46
N PHE A 626 -39.55 3.72 13.47
CA PHE A 626 -39.72 4.75 12.45
C PHE A 626 -40.91 4.48 11.53
N ASN A 627 -41.92 5.33 11.60
CA ASN A 627 -43.09 5.20 10.72
C ASN A 627 -43.55 6.59 10.34
N LEU A 628 -44.58 6.68 9.50
CA LEU A 628 -45.04 8.00 9.02
C LEU A 628 -45.49 8.96 10.11
N ASN A 629 -45.95 8.45 11.25
CA ASN A 629 -46.39 9.31 12.34
C ASN A 629 -45.28 10.25 12.73
N ASP A 630 -44.20 9.69 13.28
CA ASP A 630 -43.08 10.51 13.70
C ASP A 630 -42.51 11.22 12.49
N CYS A 631 -42.32 10.51 11.38
CA CYS A 631 -41.72 11.09 10.19
C CYS A 631 -42.36 12.42 9.80
N HIS A 632 -43.63 12.41 9.43
CA HIS A 632 -44.24 13.64 8.94
C HIS A 632 -44.35 14.70 10.02
N LYS A 633 -44.61 14.29 11.26
CA LYS A 633 -44.76 15.25 12.33
C LYS A 633 -43.44 15.96 12.57
N LEU A 634 -42.36 15.19 12.62
CA LEU A 634 -41.04 15.77 12.83
C LEU A 634 -40.69 16.68 11.67
N ILE A 635 -40.94 16.23 10.44
CA ILE A 635 -40.61 17.03 9.27
C ILE A 635 -41.28 18.38 9.40
N ASP A 636 -42.58 18.40 9.68
CA ASP A 636 -43.31 19.65 9.78
C ASP A 636 -42.84 20.52 10.92
N PHE A 637 -42.49 19.90 12.04
CA PHE A 637 -41.97 20.65 13.16
C PHE A 637 -40.67 21.29 12.71
N PHE A 638 -39.74 20.52 12.16
CA PHE A 638 -38.47 21.06 11.66
C PHE A 638 -38.72 22.13 10.62
N LYS A 639 -39.59 21.87 9.66
CA LYS A 639 -39.91 22.84 8.61
C LYS A 639 -40.32 24.17 9.19
N ASP A 640 -41.23 24.14 10.15
CA ASP A 640 -41.74 25.39 10.70
C ASP A 640 -40.81 26.01 11.73
N SER A 641 -39.99 25.22 12.38
CA SER A 641 -39.01 25.81 13.29
C SER A 641 -37.85 26.40 12.48
N ILE A 642 -37.72 26.01 11.22
CA ILE A 642 -36.71 26.59 10.34
C ILE A 642 -37.31 27.92 9.94
N SER A 643 -38.64 27.96 9.77
CA SER A 643 -39.31 29.22 9.46
C SER A 643 -39.22 30.14 10.67
N ARG A 644 -39.12 29.56 11.87
CA ARG A 644 -38.96 30.36 13.09
C ARG A 644 -37.50 30.67 13.36
N TYR A 645 -36.59 30.14 12.55
CA TYR A 645 -35.16 30.37 12.72
C TYR A 645 -34.64 31.32 11.67
N PRO A 646 -34.41 32.58 12.04
CA PRO A 646 -33.98 33.57 11.05
C PRO A 646 -32.57 33.33 10.56
N LYS A 647 -31.78 32.60 11.33
CA LYS A 647 -30.41 32.30 10.95
C LYS A 647 -30.37 31.33 9.79
N TRP A 648 -31.43 30.55 9.61
CA TRP A 648 -31.46 29.58 8.54
C TRP A 648 -32.48 29.93 7.47
N SER A 649 -33.38 30.84 7.79
CA SER A 649 -34.42 31.16 6.82
C SER A 649 -34.00 32.29 5.90
N ASN A 650 -33.35 33.30 6.45
CA ASN A 650 -32.94 34.43 5.65
C ASN A 650 -31.70 34.04 4.88
N ALA A 651 -30.87 33.20 5.49
CA ALA A 651 -29.65 32.76 4.83
C ALA A 651 -29.96 31.92 3.61
N TYR A 652 -30.90 30.99 3.75
CA TYR A 652 -31.25 30.11 2.63
C TYR A 652 -32.75 30.08 2.46
N ASP A 653 -33.24 30.53 1.32
CA ASP A 653 -34.68 30.43 1.04
C ASP A 653 -35.00 28.99 0.77
N PHE A 654 -35.44 28.26 1.79
CA PHE A 654 -35.68 26.84 1.63
C PHE A 654 -36.97 26.49 0.91
N ASN A 655 -36.95 26.52 -0.41
CA ASN A 655 -38.13 26.10 -1.15
C ASN A 655 -38.32 24.61 -0.99
N PHE A 656 -39.34 24.21 -0.25
CA PHE A 656 -39.58 22.80 -0.02
C PHE A 656 -40.75 22.31 -0.84
N SER A 657 -41.10 21.05 -0.70
CA SER A 657 -42.26 20.50 -1.39
C SER A 657 -43.22 20.10 -0.29
N GLU A 658 -44.33 19.46 -0.64
CA GLU A 658 -45.32 19.10 0.38
C GLU A 658 -44.83 17.98 1.25
N THR A 659 -45.25 17.97 2.51
CA THR A 659 -44.79 16.94 3.44
C THR A 659 -45.24 15.57 2.98
N GLU A 660 -46.45 15.48 2.42
CA GLU A 660 -46.93 14.21 1.91
C GLU A 660 -45.97 13.60 0.91
N LYS A 661 -45.44 14.41 -0.01
CA LYS A 661 -44.45 13.90 -0.97
C LYS A 661 -43.26 13.23 -0.28
N TYR A 662 -42.78 13.83 0.80
CA TYR A 662 -41.65 13.26 1.52
C TYR A 662 -41.98 11.93 2.14
N LYS A 663 -41.44 10.86 1.59
CA LYS A 663 -41.71 9.52 2.12
C LYS A 663 -41.04 9.36 3.47
N ASP A 664 -39.76 9.69 3.53
CA ASP A 664 -39.04 9.59 4.78
C ASP A 664 -38.54 10.96 5.17
N ILE A 665 -37.83 11.04 6.29
CA ILE A 665 -37.29 12.30 6.74
C ILE A 665 -36.06 12.64 5.92
N ALA A 666 -35.46 11.64 5.27
CA ALA A 666 -34.27 11.88 4.48
C ALA A 666 -34.57 12.60 3.19
N GLY A 667 -35.75 12.41 2.62
CA GLY A 667 -36.14 13.15 1.43
C GLY A 667 -36.18 14.61 1.80
N PHE A 668 -36.74 14.90 2.96
CA PHE A 668 -36.78 16.26 3.45
C PHE A 668 -35.35 16.77 3.68
N TYR A 669 -34.52 16.01 4.38
CA TYR A 669 -33.14 16.44 4.68
C TYR A 669 -32.30 16.66 3.43
N ARG A 670 -32.63 15.98 2.34
CA ARG A 670 -31.91 16.17 1.10
C ARG A 670 -32.11 17.57 0.62
N GLU A 671 -33.34 18.06 0.73
CA GLU A 671 -33.61 19.43 0.34
C GLU A 671 -32.85 20.40 1.23
N VAL A 672 -32.82 20.14 2.53
CA VAL A 672 -32.14 21.05 3.44
C VAL A 672 -30.63 21.08 3.22
N GLU A 673 -30.08 20.07 2.56
CA GLU A 673 -28.66 20.07 2.24
C GLU A 673 -28.41 20.72 0.90
N GLU A 674 -29.21 20.37 -0.09
CA GLU A 674 -29.09 20.97 -1.42
C GLU A 674 -29.34 22.47 -1.38
N GLN A 675 -30.39 22.89 -0.69
CA GLN A 675 -30.75 24.29 -0.66
C GLN A 675 -30.03 25.01 0.45
N GLY A 676 -29.46 24.27 1.39
CA GLY A 676 -28.75 24.88 2.49
C GLY A 676 -27.31 25.16 2.17
N TYR A 677 -27.05 25.70 1.00
CA TYR A 677 -25.69 26.05 0.61
C TYR A 677 -25.82 27.20 -0.37
N LYS A 678 -25.04 28.25 -0.17
CA LYS A 678 -25.06 29.38 -1.08
C LYS A 678 -23.70 30.04 -1.17
N VAL A 679 -23.31 30.42 -2.38
CA VAL A 679 -22.06 31.17 -2.55
C VAL A 679 -22.45 32.44 -3.26
N SER A 680 -22.23 33.58 -2.62
CA SER A 680 -22.54 34.86 -3.23
C SER A 680 -21.32 35.75 -3.13
N PHE A 681 -21.35 36.90 -3.81
CA PHE A 681 -20.19 37.77 -3.80
C PHE A 681 -20.58 39.24 -3.63
N GLU A 682 -20.49 39.74 -2.41
CA GLU A 682 -20.79 41.16 -2.15
C GLU A 682 -19.58 42.05 -2.38
N SER A 683 -19.80 43.28 -2.85
CA SER A 683 -18.69 44.17 -3.18
C SER A 683 -18.14 45.03 -2.06
N ALA A 684 -16.87 45.36 -2.17
CA ALA A 684 -16.22 46.18 -1.16
C ALA A 684 -15.29 47.10 -1.91
N SER A 685 -15.17 48.35 -1.48
CA SER A 685 -14.26 49.28 -2.09
C SER A 685 -12.84 48.75 -2.13
N LYS A 686 -12.28 48.58 -3.32
CA LYS A 686 -10.92 48.13 -3.44
C LYS A 686 -9.96 49.05 -2.71
N LYS A 687 -10.21 50.36 -2.82
CA LYS A 687 -9.33 51.34 -2.18
C LYS A 687 -9.23 51.18 -0.68
N GLU A 688 -10.38 51.03 -0.03
CA GLU A 688 -10.40 50.89 1.42
C GLU A 688 -9.76 49.59 1.85
N VAL A 689 -10.02 48.51 1.11
CA VAL A 689 -9.44 47.23 1.43
C VAL A 689 -7.94 47.31 1.33
N ASP A 690 -7.45 48.02 0.32
CA ASP A 690 -6.01 48.16 0.16
C ASP A 690 -5.39 48.98 1.27
N LYS A 691 -6.12 49.95 1.80
CA LYS A 691 -5.64 50.77 2.89
C LYS A 691 -5.55 49.94 4.17
N LEU A 692 -6.48 49.03 4.36
CA LEU A 692 -6.43 48.15 5.50
C LEU A 692 -5.18 47.32 5.41
N VAL A 693 -4.89 46.83 4.22
CA VAL A 693 -3.68 46.04 4.00
C VAL A 693 -2.45 46.88 4.34
N GLU A 694 -2.42 48.14 3.91
CA GLU A 694 -1.31 49.02 4.21
C GLU A 694 -1.08 49.22 5.70
N GLU A 695 -2.15 49.47 6.45
CA GLU A 695 -2.03 49.69 7.88
C GLU A 695 -1.66 48.45 8.69
N GLY A 696 -2.02 47.27 8.20
CA GLY A 696 -1.73 46.06 8.91
C GLY A 696 -3.00 45.50 9.47
N LYS A 697 -4.13 46.04 9.03
CA LYS A 697 -5.39 45.63 9.58
C LYS A 697 -5.88 44.41 8.84
N LEU A 698 -5.45 44.23 7.61
CA LEU A 698 -5.82 43.08 6.83
C LEU A 698 -4.55 42.50 6.22
N TYR A 699 -4.52 41.20 6.02
CA TYR A 699 -3.37 40.54 5.41
C TYR A 699 -3.85 39.83 4.18
N MET A 700 -3.59 40.39 3.01
CA MET A 700 -4.08 39.79 1.78
C MET A 700 -3.03 38.95 1.11
N PHE A 701 -3.45 37.83 0.53
CA PHE A 701 -2.54 36.93 -0.16
C PHE A 701 -3.24 36.61 -1.44
N GLN A 702 -2.55 36.43 -2.54
CA GLN A 702 -3.21 36.00 -3.76
C GLN A 702 -3.18 34.50 -3.86
N ILE A 703 -4.34 33.88 -4.04
CA ILE A 703 -4.39 32.44 -4.22
C ILE A 703 -3.85 32.20 -5.60
N TYR A 704 -2.73 31.49 -5.70
CA TYR A 704 -2.07 31.37 -6.98
C TYR A 704 -1.42 30.06 -7.39
N ASN A 705 -1.51 29.70 -8.67
CA ASN A 705 -0.74 28.56 -9.19
C ASN A 705 -0.29 29.11 -10.53
N LYS A 706 0.58 28.42 -11.24
CA LYS A 706 1.10 28.92 -12.51
C LYS A 706 0.03 29.21 -13.53
N ASP A 707 -1.20 28.73 -13.33
CA ASP A 707 -2.31 28.96 -14.24
C ASP A 707 -3.02 30.24 -13.92
N PHE A 708 -2.50 30.99 -12.96
CA PHE A 708 -3.07 32.25 -12.58
C PHE A 708 -2.12 33.32 -13.06
N SER A 709 -1.05 32.91 -13.73
CA SER A 709 -0.13 33.87 -14.29
C SER A 709 -0.77 34.46 -15.52
N ASP A 710 -0.34 35.65 -15.92
CA ASP A 710 -0.87 36.25 -17.14
C ASP A 710 -0.06 35.78 -18.31
N LYS A 711 1.08 35.15 -18.03
CA LYS A 711 1.91 34.60 -19.07
C LYS A 711 1.51 33.15 -19.30
N SER A 712 0.37 32.73 -18.74
CA SER A 712 -0.08 31.37 -18.89
C SER A 712 -1.14 31.30 -19.93
N HIS A 713 -1.04 30.36 -20.85
CA HIS A 713 -2.00 30.32 -21.95
C HIS A 713 -2.74 29.02 -22.23
N GLY A 714 -2.22 27.86 -21.84
CA GLY A 714 -2.87 26.60 -22.20
C GLY A 714 -4.00 26.04 -21.37
N THR A 715 -4.02 24.72 -21.23
CA THR A 715 -5.03 24.07 -20.45
C THR A 715 -4.61 24.21 -19.01
N PRO A 716 -5.53 24.63 -18.15
CA PRO A 716 -5.21 24.76 -16.73
C PRO A 716 -5.08 23.43 -16.04
N ASN A 717 -4.47 23.39 -14.87
CA ASN A 717 -4.44 22.15 -14.09
C ASN A 717 -5.88 21.96 -13.67
N LEU A 718 -6.32 20.73 -13.48
CA LEU A 718 -7.71 20.46 -13.12
C LEU A 718 -8.06 21.03 -11.75
N HIS A 719 -7.10 21.06 -10.84
CA HIS A 719 -7.32 21.65 -9.54
C HIS A 719 -7.57 23.14 -9.62
N THR A 720 -7.05 23.81 -10.65
CA THR A 720 -7.32 25.23 -10.85
C THR A 720 -8.75 25.41 -11.31
N MET A 721 -9.22 24.53 -12.18
CA MET A 721 -10.59 24.62 -12.66
C MET A 721 -11.57 24.33 -11.57
N TYR A 722 -11.25 23.37 -10.70
CA TYR A 722 -12.09 23.04 -9.58
C TYR A 722 -12.26 24.27 -8.73
N PHE A 723 -11.14 24.89 -8.35
CA PHE A 723 -11.17 26.09 -7.55
C PHE A 723 -11.95 27.20 -8.18
N LYS A 724 -11.74 27.45 -9.46
CA LYS A 724 -12.40 28.57 -10.09
C LYS A 724 -13.88 28.32 -10.24
N LEU A 725 -14.28 27.07 -10.26
CA LEU A 725 -15.69 26.73 -10.38
C LEU A 725 -16.37 26.71 -9.04
N LEU A 726 -15.63 26.73 -7.95
CA LEU A 726 -16.24 26.82 -6.63
C LEU A 726 -17.01 28.09 -6.58
N PHE A 727 -16.47 29.12 -7.20
CA PHE A 727 -17.11 30.42 -7.23
C PHE A 727 -17.63 30.69 -8.62
N ASP A 728 -18.41 29.78 -9.16
CA ASP A 728 -19.01 29.97 -10.49
C ASP A 728 -20.52 29.94 -10.42
N GLU A 729 -21.18 30.34 -11.50
CA GLU A 729 -22.64 30.42 -11.48
C GLU A 729 -23.32 29.16 -11.94
N ASN A 730 -22.59 28.32 -12.66
CA ASN A 730 -23.15 27.07 -13.12
C ASN A 730 -22.91 25.99 -12.08
N ASN A 731 -22.06 26.26 -11.11
CA ASN A 731 -21.86 25.34 -10.02
C ASN A 731 -23.09 25.52 -9.16
N HIS A 732 -23.80 24.43 -8.89
CA HIS A 732 -24.99 24.51 -8.09
C HIS A 732 -24.84 23.63 -6.88
N GLY A 733 -23.60 23.42 -6.44
CA GLY A 733 -23.36 22.62 -5.28
C GLY A 733 -22.62 21.37 -5.63
N GLN A 734 -22.29 21.21 -6.90
CA GLN A 734 -21.59 20.03 -7.34
C GLN A 734 -20.26 20.08 -6.72
N ILE A 735 -19.61 21.23 -6.72
CA ILE A 735 -18.35 21.38 -6.00
C ILE A 735 -18.53 22.45 -4.92
N ARG A 736 -18.44 22.05 -3.66
CA ARG A 736 -18.62 22.97 -2.58
C ARG A 736 -17.33 23.18 -1.85
N LEU A 737 -17.19 24.30 -1.18
CA LEU A 737 -15.99 24.57 -0.43
C LEU A 737 -16.19 24.05 0.96
N SER A 738 -15.60 22.91 1.27
CA SER A 738 -15.69 22.40 2.61
C SER A 738 -14.82 23.25 3.51
N GLY A 739 -15.10 23.25 4.80
CA GLY A 739 -14.29 24.01 5.73
C GLY A 739 -13.12 23.18 6.17
N GLY A 740 -12.16 23.81 6.81
CA GLY A 740 -10.99 23.09 7.26
C GLY A 740 -9.73 23.51 6.53
N ALA A 741 -9.73 24.71 5.98
CA ALA A 741 -8.58 25.18 5.23
C ALA A 741 -7.43 25.50 6.11
N GLU A 742 -6.21 25.31 5.61
CA GLU A 742 -5.04 25.55 6.42
C GLU A 742 -4.01 26.33 5.65
N LEU A 743 -3.38 27.29 6.31
CA LEU A 743 -2.31 28.03 5.69
C LEU A 743 -1.04 27.58 6.33
N PHE A 744 -0.03 27.30 5.52
CA PHE A 744 1.22 26.83 6.03
C PHE A 744 2.27 27.74 5.53
N MET A 745 3.48 27.54 5.99
CA MET A 745 4.58 28.34 5.53
C MET A 745 5.78 27.46 5.31
N ARG A 746 6.13 27.19 4.07
CA ARG A 746 7.36 26.46 3.82
C ARG A 746 8.42 27.46 3.56
N ARG A 747 9.48 27.41 4.33
CA ARG A 747 10.55 28.35 4.17
C ARG A 747 11.48 27.91 3.06
N ALA A 748 12.48 28.73 2.74
CA ALA A 748 13.44 28.40 1.70
C ALA A 748 14.37 27.33 2.18
N SER A 749 14.86 26.52 1.25
CA SER A 749 15.71 25.41 1.61
C SER A 749 16.96 25.48 0.77
N LEU A 750 16.91 26.21 -0.32
CA LEU A 750 18.04 26.34 -1.21
C LEU A 750 18.41 27.80 -1.32
N LYS A 751 19.61 28.10 -1.77
CA LYS A 751 20.01 29.48 -1.96
C LYS A 751 19.97 29.83 -3.43
N LYS A 752 19.41 30.98 -3.78
CA LYS A 752 19.24 31.36 -5.17
C LYS A 752 20.52 31.40 -5.97
N GLU A 753 21.60 31.80 -5.34
CA GLU A 753 22.88 31.88 -6.02
C GLU A 753 23.46 30.51 -6.30
N GLU A 754 23.00 29.49 -5.60
CA GLU A 754 23.55 28.16 -5.77
C GLU A 754 22.62 27.27 -6.58
N LEU A 755 21.74 27.88 -7.35
CA LEU A 755 20.86 27.12 -8.19
C LEU A 755 21.48 27.05 -9.56
N VAL A 756 21.19 25.99 -10.31
CA VAL A 756 21.72 25.84 -11.64
C VAL A 756 20.99 26.76 -12.57
N VAL A 757 21.70 27.74 -13.11
CA VAL A 757 21.07 28.68 -14.00
C VAL A 757 21.33 28.35 -15.43
N HIS A 758 20.39 28.70 -16.29
CA HIS A 758 20.59 28.54 -17.71
C HIS A 758 20.56 29.99 -18.07
N PRO A 759 21.73 30.60 -18.25
CA PRO A 759 21.83 32.03 -18.49
C PRO A 759 21.03 32.59 -19.61
N ALA A 760 20.72 33.86 -19.51
CA ALA A 760 19.94 34.50 -20.52
C ALA A 760 20.66 34.58 -21.82
N ASN A 761 19.91 34.56 -22.92
CA ASN A 761 20.48 34.67 -24.25
C ASN A 761 21.64 33.73 -24.50
N SER A 762 21.52 32.50 -24.03
CA SER A 762 22.53 31.49 -24.28
C SER A 762 21.69 30.29 -24.62
N PRO A 763 22.13 29.50 -25.61
CA PRO A 763 21.33 28.35 -26.07
C PRO A 763 21.22 27.19 -25.07
N ILE A 764 20.01 26.69 -24.86
CA ILE A 764 19.81 25.56 -23.97
C ILE A 764 19.29 24.33 -24.68
N ALA A 765 20.07 23.26 -24.68
CA ALA A 765 19.68 22.03 -25.36
C ALA A 765 18.34 21.43 -24.98
N ASN A 766 17.57 21.06 -25.97
CA ASN A 766 16.28 20.45 -25.71
C ASN A 766 16.50 18.93 -25.61
N LYS A 767 16.01 18.30 -24.56
CA LYS A 767 16.26 16.88 -24.30
C LYS A 767 15.32 15.81 -24.85
N ASN A 768 14.20 16.18 -25.45
CA ASN A 768 13.33 15.18 -26.08
C ASN A 768 13.90 14.91 -27.44
N PRO A 769 14.21 13.62 -27.73
CA PRO A 769 14.78 13.27 -29.02
C PRO A 769 13.77 13.40 -30.13
N ASP A 770 12.50 13.38 -29.77
CA ASP A 770 11.45 13.47 -30.74
C ASP A 770 10.90 14.86 -30.78
N ASN A 771 11.71 15.84 -30.43
CA ASN A 771 11.31 17.22 -30.52
C ASN A 771 12.02 17.72 -31.74
N PRO A 772 11.28 18.28 -32.70
CA PRO A 772 11.91 18.83 -33.89
C PRO A 772 12.84 19.99 -33.60
N LYS A 773 12.67 20.67 -32.47
CA LYS A 773 13.58 21.74 -32.09
C LYS A 773 14.57 21.27 -31.08
N LYS A 774 15.84 21.54 -31.32
CA LYS A 774 16.85 21.22 -30.33
C LYS A 774 17.31 22.60 -30.02
N THR A 775 17.83 22.85 -28.83
CA THR A 775 18.21 24.22 -28.39
C THR A 775 17.03 25.22 -28.23
N THR A 776 16.97 25.95 -27.12
CA THR A 776 15.88 26.94 -26.99
C THR A 776 16.19 28.44 -26.93
N THR A 777 17.26 28.87 -26.25
CA THR A 777 17.56 30.32 -26.06
C THR A 777 16.44 31.20 -25.49
N LEU A 778 16.57 31.56 -24.23
CA LEU A 778 15.56 32.44 -23.65
C LEU A 778 16.17 33.78 -23.32
N SER A 779 15.34 34.82 -23.25
CA SER A 779 15.83 36.16 -22.92
C SER A 779 16.04 36.32 -21.45
N TYR A 780 15.79 35.28 -20.67
CA TYR A 780 15.94 35.36 -19.23
C TYR A 780 16.64 34.15 -18.68
N ASP A 781 17.00 34.22 -17.42
CA ASP A 781 17.67 33.12 -16.79
C ASP A 781 16.65 32.15 -16.25
N VAL A 782 16.96 30.86 -16.32
CA VAL A 782 16.06 29.84 -15.81
C VAL A 782 16.81 29.05 -14.77
N TYR A 783 16.27 28.94 -13.56
CA TYR A 783 16.97 28.28 -12.48
C TYR A 783 16.37 26.94 -12.14
N LYS A 784 17.15 26.08 -11.49
CA LYS A 784 16.64 24.79 -11.06
C LYS A 784 16.03 24.91 -9.71
N ASP A 785 14.77 24.54 -9.55
CA ASP A 785 14.06 24.59 -8.26
C ASP A 785 14.00 25.97 -7.67
N LYS A 786 13.53 26.92 -8.45
CA LYS A 786 13.40 28.29 -7.99
C LYS A 786 12.44 28.39 -6.80
N ARG A 787 11.36 27.62 -6.81
CA ARG A 787 10.38 27.68 -5.74
C ARG A 787 10.85 27.35 -4.34
N PHE A 788 11.95 26.63 -4.21
CA PHE A 788 12.45 26.23 -2.91
C PHE A 788 13.62 27.09 -2.48
N SER A 789 13.84 28.20 -3.18
CA SER A 789 14.91 29.12 -2.85
C SER A 789 14.26 30.33 -2.25
N GLU A 790 12.94 30.35 -2.24
CA GLU A 790 12.20 31.44 -1.65
C GLU A 790 11.19 30.87 -0.67
N ASP A 791 10.71 31.69 0.25
CA ASP A 791 9.72 31.25 1.23
C ASP A 791 8.38 31.24 0.59
N GLN A 792 7.59 30.23 0.90
CA GLN A 792 6.28 30.11 0.28
C GLN A 792 5.18 29.89 1.28
N TYR A 793 4.00 30.39 1.01
CA TYR A 793 2.88 30.13 1.87
C TYR A 793 2.04 29.14 1.11
N GLU A 794 1.59 28.09 1.76
CA GLU A 794 0.79 27.09 1.11
C GLU A 794 -0.62 27.08 1.60
N LEU A 795 -1.58 27.39 0.75
CA LEU A 795 -2.96 27.31 1.15
C LEU A 795 -3.59 25.99 0.75
N HIS A 796 -4.02 25.21 1.72
CA HIS A 796 -4.64 23.93 1.46
C HIS A 796 -6.13 24.08 1.62
N ILE A 797 -6.89 23.94 0.55
CA ILE A 797 -8.33 24.14 0.61
C ILE A 797 -9.18 22.91 0.31
N PRO A 798 -9.86 22.37 1.34
CA PRO A 798 -10.76 21.23 1.14
C PRO A 798 -12.01 21.53 0.36
N ILE A 799 -12.39 20.65 -0.54
CA ILE A 799 -13.59 20.82 -1.33
C ILE A 799 -14.47 19.57 -1.24
N ALA A 800 -15.74 19.69 -1.60
CA ALA A 800 -16.65 18.56 -1.54
C ALA A 800 -17.36 18.36 -2.84
N ILE A 801 -16.98 17.32 -3.56
CA ILE A 801 -17.64 17.02 -4.81
C ILE A 801 -18.86 16.16 -4.56
N ASN A 802 -19.95 16.45 -5.24
CA ASN A 802 -21.19 15.70 -5.12
C ASN A 802 -21.64 15.39 -3.71
N LYS A 803 -21.75 16.42 -2.87
CA LYS A 803 -22.14 16.24 -1.48
C LYS A 803 -23.59 15.82 -1.32
N CYS A 804 -24.40 16.08 -2.32
CA CYS A 804 -25.77 15.62 -2.28
C CYS A 804 -25.99 14.71 -3.47
N PRO A 805 -25.57 13.44 -3.36
CA PRO A 805 -25.70 12.51 -4.48
C PRO A 805 -27.15 12.23 -4.82
N LYS A 806 -27.47 12.15 -6.09
CA LYS A 806 -28.85 11.96 -6.47
C LYS A 806 -29.06 10.65 -7.21
N ASN A 807 -28.06 10.20 -7.94
CA ASN A 807 -28.17 8.94 -8.66
C ASN A 807 -27.47 7.86 -7.85
N ILE A 808 -28.12 7.44 -6.77
CA ILE A 808 -27.54 6.43 -5.91
C ILE A 808 -27.96 5.03 -6.30
N PHE A 809 -26.99 4.21 -6.72
CA PHE A 809 -27.25 2.82 -7.06
C PHE A 809 -25.99 2.08 -6.80
N LYS A 810 -26.02 0.77 -6.90
CA LYS A 810 -24.80 0.01 -6.76
C LYS A 810 -24.14 0.04 -8.13
N ILE A 811 -22.91 0.53 -8.19
CA ILE A 811 -22.21 0.68 -9.45
C ILE A 811 -21.94 -0.65 -10.10
N ASN A 812 -21.38 -1.59 -9.35
CA ASN A 812 -21.02 -2.88 -9.92
C ASN A 812 -22.20 -3.56 -10.58
N THR A 813 -23.33 -3.63 -9.90
CA THR A 813 -24.52 -4.23 -10.46
C THR A 813 -25.06 -3.50 -11.65
N GLU A 814 -25.10 -2.18 -11.60
CA GLU A 814 -25.59 -1.39 -12.72
C GLU A 814 -24.73 -1.60 -13.95
N VAL A 815 -23.42 -1.70 -13.79
CA VAL A 815 -22.55 -1.98 -14.93
C VAL A 815 -22.91 -3.33 -15.51
N ARG A 816 -22.96 -4.37 -14.68
CA ARG A 816 -23.36 -5.68 -15.15
C ARG A 816 -24.68 -5.67 -15.92
N VAL A 817 -25.68 -4.96 -15.44
CA VAL A 817 -26.97 -4.87 -16.12
C VAL A 817 -26.84 -4.18 -17.47
N LEU A 818 -26.08 -3.10 -17.51
CA LEU A 818 -25.86 -2.38 -18.74
C LEU A 818 -25.03 -3.16 -19.73
N LEU A 819 -24.08 -3.97 -19.25
CA LEU A 819 -23.26 -4.79 -20.12
C LEU A 819 -24.04 -5.95 -20.66
N LYS A 820 -24.95 -6.49 -19.85
CA LYS A 820 -25.82 -7.57 -20.30
C LYS A 820 -26.80 -7.11 -21.38
N HIS A 821 -27.11 -5.83 -21.40
CA HIS A 821 -28.01 -5.32 -22.40
C HIS A 821 -27.35 -4.57 -23.55
N ASP A 822 -26.02 -4.49 -23.52
CA ASP A 822 -25.30 -3.86 -24.63
C ASP A 822 -25.04 -4.91 -25.68
N ASP A 823 -25.41 -4.60 -26.92
CA ASP A 823 -25.24 -5.55 -28.01
C ASP A 823 -23.80 -5.60 -28.45
N ASN A 824 -23.11 -4.47 -28.37
CA ASN A 824 -21.70 -4.42 -28.74
C ASN A 824 -20.89 -3.84 -27.59
N PRO A 825 -20.65 -4.63 -26.54
CA PRO A 825 -19.85 -4.02 -25.48
C PRO A 825 -18.35 -4.00 -25.75
N TYR A 826 -17.74 -2.82 -25.74
CA TYR A 826 -16.31 -2.71 -25.98
C TYR A 826 -15.54 -2.92 -24.71
N VAL A 827 -14.36 -3.50 -24.82
CA VAL A 827 -13.53 -3.73 -23.66
C VAL A 827 -12.13 -3.26 -24.00
N ILE A 828 -11.48 -2.53 -23.11
CA ILE A 828 -10.09 -2.14 -23.32
C ILE A 828 -9.23 -3.05 -22.50
N GLY A 829 -8.46 -3.90 -23.16
CA GLY A 829 -7.54 -4.74 -22.45
C GLY A 829 -6.23 -4.04 -22.35
N ILE A 830 -5.64 -4.07 -21.17
CA ILE A 830 -4.35 -3.44 -20.97
C ILE A 830 -3.43 -4.47 -20.38
N ASP A 831 -2.28 -4.66 -21.01
CA ASP A 831 -1.32 -5.61 -20.52
C ASP A 831 0.07 -5.02 -20.50
N ARG A 832 0.85 -5.36 -19.49
CA ARG A 832 2.21 -4.91 -19.42
C ARG A 832 3.06 -5.89 -20.21
N GLY A 833 3.83 -5.39 -21.15
CA GLY A 833 4.63 -6.29 -21.95
C GLY A 833 6.12 -6.21 -21.78
N GLU A 834 6.86 -6.89 -22.63
CA GLU A 834 8.31 -6.92 -22.51
C GLU A 834 9.01 -5.88 -23.35
N ARG A 835 8.51 -5.63 -24.55
CA ARG A 835 9.12 -4.65 -25.43
C ARG A 835 8.26 -3.42 -25.41
N ASN A 836 7.15 -3.51 -24.70
CA ASN A 836 6.28 -2.38 -24.57
C ASN A 836 6.12 -2.19 -23.09
N LEU A 837 5.95 -0.95 -22.65
CA LEU A 837 5.71 -0.69 -21.24
C LEU A 837 4.30 -1.14 -20.99
N LEU A 838 3.37 -0.66 -21.81
CA LEU A 838 2.01 -1.11 -21.69
C LEU A 838 1.43 -1.21 -23.09
N TYR A 839 0.54 -2.16 -23.30
CA TYR A 839 -0.10 -2.30 -24.59
C TYR A 839 -1.60 -2.23 -24.44
N ILE A 840 -2.27 -1.59 -25.37
CA ILE A 840 -3.71 -1.44 -25.31
C ILE A 840 -4.39 -2.08 -26.50
N VAL A 841 -5.30 -3.02 -26.27
CA VAL A 841 -6.06 -3.61 -27.36
C VAL A 841 -7.50 -3.42 -27.01
N VAL A 842 -8.24 -2.71 -27.85
CA VAL A 842 -9.64 -2.55 -27.63
C VAL A 842 -10.34 -3.51 -28.55
N VAL A 843 -11.26 -4.30 -28.02
CA VAL A 843 -12.04 -5.23 -28.82
C VAL A 843 -13.46 -4.82 -28.69
N ASP A 844 -14.32 -5.32 -29.57
CA ASP A 844 -15.73 -5.01 -29.48
C ASP A 844 -16.50 -6.10 -28.78
N GLY A 845 -17.78 -6.21 -29.08
CA GLY A 845 -18.60 -7.25 -28.48
C GLY A 845 -18.33 -8.64 -28.99
N LYS A 846 -17.83 -8.75 -30.21
CA LYS A 846 -17.59 -10.04 -30.80
C LYS A 846 -16.15 -10.47 -30.71
N GLY A 847 -15.28 -9.59 -30.25
CA GLY A 847 -13.89 -9.95 -30.06
C GLY A 847 -13.00 -9.51 -31.19
N ASN A 848 -13.46 -8.53 -31.95
CA ASN A 848 -12.70 -8.05 -33.08
C ASN A 848 -11.86 -6.88 -32.66
N ILE A 849 -10.55 -6.98 -32.81
CA ILE A 849 -9.67 -5.89 -32.46
C ILE A 849 -10.06 -4.63 -33.21
N VAL A 850 -10.53 -3.62 -32.48
CA VAL A 850 -10.92 -2.36 -33.09
C VAL A 850 -9.70 -1.46 -33.08
N GLU A 851 -8.82 -1.65 -32.11
CA GLU A 851 -7.65 -0.80 -32.00
C GLU A 851 -6.57 -1.46 -31.20
N GLN A 852 -5.35 -1.46 -31.70
CA GLN A 852 -4.24 -2.03 -30.95
C GLN A 852 -3.01 -1.15 -31.04
N TYR A 853 -2.45 -0.75 -29.91
CA TYR A 853 -1.28 0.11 -29.89
C TYR A 853 -0.50 0.11 -28.59
N SER A 854 0.78 0.41 -28.68
CA SER A 854 1.61 0.47 -27.50
C SER A 854 1.54 1.85 -26.88
N LEU A 855 1.69 1.90 -25.57
CA LEU A 855 1.65 3.17 -24.89
C LEU A 855 3.07 3.53 -24.52
N ASN A 856 4.03 3.02 -25.27
CA ASN A 856 5.43 3.32 -25.05
C ASN A 856 5.65 4.80 -25.21
N GLU A 857 5.03 5.37 -26.23
CA GLU A 857 5.15 6.78 -26.47
C GLU A 857 3.90 7.52 -26.09
N ILE A 858 4.06 8.66 -25.41
CA ILE A 858 2.93 9.47 -25.00
C ILE A 858 2.90 10.75 -25.83
N ILE A 859 1.82 10.99 -26.56
CA ILE A 859 1.74 12.16 -27.41
C ILE A 859 0.98 13.31 -26.77
N ASN A 860 1.68 14.38 -26.42
CA ASN A 860 1.06 15.51 -25.77
C ASN A 860 0.53 16.45 -26.82
N ASN A 861 -0.63 17.03 -26.57
CA ASN A 861 -1.26 17.89 -27.56
C ASN A 861 -1.41 19.33 -27.10
N PHE A 862 -0.39 20.14 -27.31
CA PHE A 862 -0.47 21.55 -26.98
C PHE A 862 -0.79 22.30 -28.24
N ASN A 863 -1.37 23.49 -28.14
CA ASN A 863 -1.78 24.25 -29.31
C ASN A 863 -2.46 23.36 -30.34
N GLY A 864 -1.80 23.11 -31.46
CA GLY A 864 -2.34 22.18 -32.44
C GLY A 864 -1.25 21.16 -32.65
N ILE A 865 -0.09 21.41 -32.08
CA ILE A 865 1.05 20.53 -32.25
C ILE A 865 1.02 19.31 -31.34
N ARG A 866 1.48 18.18 -31.86
CA ARG A 866 1.54 16.99 -31.05
C ARG A 866 2.99 16.61 -30.93
N ILE A 867 3.51 16.56 -29.71
CA ILE A 867 4.88 16.12 -29.51
C ILE A 867 4.91 14.80 -28.79
N LYS A 868 5.62 13.82 -29.34
CA LYS A 868 5.68 12.50 -28.75
C LYS A 868 6.84 12.35 -27.81
N THR A 869 6.63 11.61 -26.72
CA THR A 869 7.71 11.32 -25.81
C THR A 869 7.74 9.84 -25.60
N ASP A 870 8.78 9.18 -26.06
CA ASP A 870 8.93 7.77 -25.79
C ASP A 870 9.46 7.56 -24.41
N TYR A 871 8.64 7.03 -23.52
CA TYR A 871 9.05 6.79 -22.17
C TYR A 871 9.81 5.49 -22.07
N HIS A 872 9.75 4.68 -23.11
CA HIS A 872 10.46 3.42 -23.14
C HIS A 872 11.92 3.70 -23.40
N SER A 873 12.20 4.69 -24.23
CA SER A 873 13.58 5.07 -24.48
C SER A 873 14.11 5.79 -23.28
N LEU A 874 13.27 6.55 -22.61
CA LEU A 874 13.68 7.24 -21.40
C LEU A 874 14.06 6.25 -20.34
N LEU A 875 13.29 5.18 -20.22
CA LEU A 875 13.58 4.15 -19.25
C LEU A 875 14.82 3.39 -19.62
N ASP A 876 15.01 3.11 -20.90
CA ASP A 876 16.22 2.46 -21.35
C ASP A 876 17.45 3.26 -21.02
N LYS A 877 17.38 4.57 -21.18
CA LYS A 877 18.50 5.43 -20.85
C LYS A 877 18.80 5.36 -19.38
N LYS A 878 17.77 5.42 -18.56
CA LYS A 878 17.94 5.39 -17.12
C LYS A 878 18.35 4.04 -16.61
N GLU A 879 18.09 2.99 -17.37
CA GLU A 879 18.48 1.65 -16.98
C GLU A 879 19.90 1.40 -17.37
N LYS A 880 20.39 2.16 -18.36
CA LYS A 880 21.79 2.05 -18.70
C LYS A 880 22.52 2.80 -17.61
N GLU A 881 21.93 3.89 -17.13
CA GLU A 881 22.52 4.65 -16.04
C GLU A 881 22.35 3.95 -14.71
N ARG A 882 21.69 2.80 -14.68
CA ARG A 882 21.56 2.03 -13.46
C ARG A 882 22.62 0.97 -13.53
N PHE A 883 22.96 0.51 -14.73
CA PHE A 883 24.02 -0.46 -14.91
C PHE A 883 25.32 0.24 -14.60
N GLU A 884 25.55 1.38 -15.24
CA GLU A 884 26.73 2.18 -14.89
C GLU A 884 26.31 2.69 -13.54
N ALA A 885 27.23 2.93 -12.62
CA ALA A 885 26.87 3.27 -11.24
C ALA A 885 26.11 2.12 -10.66
N ARG A 886 26.76 0.95 -10.57
CA ARG A 886 26.16 -0.27 -10.01
C ARG A 886 24.84 -0.21 -9.26
N GLN A 887 23.72 -0.30 -9.97
CA GLN A 887 22.37 -0.23 -9.37
C GLN A 887 22.27 0.59 -8.10
N ASN A 888 22.70 1.83 -8.15
CA ASN A 888 22.70 2.68 -6.98
C ASN A 888 21.31 3.14 -6.61
N TRP A 889 21.15 3.58 -5.38
CA TRP A 889 19.85 4.00 -4.89
C TRP A 889 19.19 5.08 -5.73
N THR A 890 19.96 6.06 -6.18
CA THR A 890 19.40 7.18 -6.92
C THR A 890 18.83 6.80 -8.26
N SER A 891 19.52 5.93 -8.98
CA SER A 891 19.07 5.51 -10.29
C SER A 891 17.76 4.74 -10.23
N ILE A 892 17.56 3.95 -9.19
CA ILE A 892 16.34 3.17 -9.07
C ILE A 892 15.18 4.02 -8.60
N GLU A 893 15.48 5.13 -7.94
CA GLU A 893 14.44 6.04 -7.51
C GLU A 893 14.06 6.88 -8.68
N ASN A 894 15.02 7.20 -9.53
CA ASN A 894 14.72 7.97 -10.72
C ASN A 894 13.86 7.13 -11.61
N ILE A 895 14.16 5.84 -11.69
CA ILE A 895 13.37 4.92 -12.50
C ILE A 895 11.95 4.85 -11.96
N LYS A 896 11.80 4.76 -10.65
CA LYS A 896 10.49 4.65 -10.05
C LYS A 896 9.68 5.91 -10.17
N GLU A 897 10.33 7.06 -10.15
CA GLU A 897 9.64 8.33 -10.31
C GLU A 897 9.24 8.52 -11.74
N LEU A 898 10.10 8.13 -12.67
CA LEU A 898 9.75 8.19 -14.07
C LEU A 898 8.55 7.29 -14.33
N LYS A 899 8.53 6.12 -13.73
CA LYS A 899 7.45 5.17 -13.93
C LYS A 899 6.15 5.69 -13.38
N ALA A 900 6.18 6.31 -12.22
CA ALA A 900 5.00 6.89 -11.62
C ALA A 900 4.48 8.06 -12.44
N GLY A 901 5.37 8.82 -13.05
CA GLY A 901 4.95 9.92 -13.87
C GLY A 901 4.41 9.45 -15.17
N TYR A 902 4.94 8.36 -15.70
CA TYR A 902 4.43 7.78 -16.93
C TYR A 902 3.04 7.25 -16.68
N ILE A 903 2.84 6.64 -15.52
CA ILE A 903 1.54 6.09 -15.17
C ILE A 903 0.49 7.19 -15.10
N SER A 904 0.87 8.39 -14.70
CA SER A 904 -0.06 9.50 -14.67
C SER A 904 -0.55 9.89 -16.06
N GLN A 905 0.33 9.77 -17.05
CA GLN A 905 -0.03 10.10 -18.42
C GLN A 905 -0.87 9.02 -19.03
N VAL A 906 -0.65 7.80 -18.62
CA VAL A 906 -1.39 6.66 -19.13
C VAL A 906 -2.80 6.66 -18.56
N VAL A 907 -2.97 7.15 -17.34
CA VAL A 907 -4.27 7.24 -16.74
C VAL A 907 -5.12 8.11 -17.63
N HIS A 908 -4.57 9.22 -18.09
CA HIS A 908 -5.29 10.09 -19.01
C HIS A 908 -5.65 9.39 -20.32
N LYS A 909 -4.72 8.66 -20.89
CA LYS A 909 -4.96 7.95 -22.15
C LYS A 909 -6.07 6.93 -22.01
N ILE A 910 -6.06 6.17 -20.93
CA ILE A 910 -7.12 5.20 -20.68
C ILE A 910 -8.47 5.86 -20.46
N CYS A 911 -8.51 6.98 -19.75
CA CYS A 911 -9.74 7.71 -19.53
C CYS A 911 -10.36 8.15 -20.83
N GLU A 912 -9.52 8.54 -21.79
CA GLU A 912 -10.01 8.96 -23.09
C GLU A 912 -10.55 7.81 -23.89
N LEU A 913 -9.95 6.64 -23.77
CA LEU A 913 -10.43 5.46 -24.46
C LEU A 913 -11.77 5.03 -23.89
N VAL A 914 -11.93 5.12 -22.57
CA VAL A 914 -13.21 4.82 -21.95
C VAL A 914 -14.26 5.73 -22.53
N GLU A 915 -13.98 7.01 -22.66
CA GLU A 915 -14.96 7.94 -23.19
C GLU A 915 -15.22 7.73 -24.68
N LYS A 916 -14.19 7.42 -25.44
CA LYS A 916 -14.34 7.19 -26.88
C LYS A 916 -15.16 5.98 -27.20
N TYR A 917 -14.94 4.89 -26.47
CA TYR A 917 -15.61 3.66 -26.77
C TYR A 917 -16.71 3.27 -25.81
N ASP A 918 -16.94 4.02 -24.73
CA ASP A 918 -17.94 3.67 -23.68
C ASP A 918 -17.49 2.31 -23.27
N ALA A 919 -16.23 2.20 -22.93
CA ALA A 919 -15.70 0.88 -22.69
C ALA A 919 -15.44 0.49 -21.30
N VAL A 920 -15.44 -0.81 -21.07
CA VAL A 920 -15.16 -1.33 -19.76
C VAL A 920 -13.68 -1.63 -19.84
N ILE A 921 -12.99 -1.54 -18.73
CA ILE A 921 -11.58 -1.85 -18.74
C ILE A 921 -11.33 -3.25 -18.27
N ALA A 922 -10.26 -3.86 -18.74
CA ALA A 922 -9.92 -5.20 -18.37
C ALA A 922 -8.49 -5.14 -17.97
N LEU A 923 -8.21 -5.42 -16.71
CA LEU A 923 -6.86 -5.35 -16.21
C LEU A 923 -6.53 -6.64 -15.54
N GLU A 924 -5.30 -6.78 -15.12
CA GLU A 924 -4.86 -8.02 -14.52
C GLU A 924 -5.04 -8.06 -13.03
N ASP A 925 -5.63 -9.13 -12.51
CA ASP A 925 -5.73 -9.28 -11.09
C ASP A 925 -4.31 -9.53 -10.67
N LEU A 926 -3.76 -8.66 -9.84
CA LEU A 926 -2.37 -8.78 -9.46
C LEU A 926 -2.24 -9.59 -8.21
N ASN A 927 -3.35 -10.11 -7.72
CA ASN A 927 -3.33 -10.92 -6.52
C ASN A 927 -3.34 -12.39 -6.89
N SER A 928 -2.87 -12.72 -8.09
CA SER A 928 -2.88 -14.09 -8.56
C SER A 928 -1.56 -14.51 -9.16
N GLY A 929 -1.49 -14.59 -10.49
CA GLY A 929 -0.28 -15.05 -11.15
C GLY A 929 0.81 -14.03 -11.30
N PHE A 930 1.92 -14.43 -11.91
CA PHE A 930 3.04 -13.51 -12.05
C PHE A 930 3.46 -13.16 -13.46
N LYS A 931 4.39 -12.23 -13.60
CA LYS A 931 4.91 -11.85 -14.90
C LYS A 931 6.41 -12.02 -14.77
N ASN A 932 7.12 -11.99 -15.88
CA ASN A 932 8.55 -12.25 -15.83
C ASN A 932 9.37 -11.02 -15.53
N SER A 933 10.37 -10.75 -16.35
CA SER A 933 11.14 -9.55 -16.19
C SER A 933 10.77 -8.66 -17.34
N ARG A 934 9.47 -8.43 -17.51
CA ARG A 934 9.01 -7.51 -18.53
C ARG A 934 9.58 -6.16 -18.22
N VAL A 935 10.32 -5.55 -19.15
CA VAL A 935 10.85 -4.19 -18.96
C VAL A 935 9.66 -3.29 -18.99
N LYS A 936 8.97 -3.19 -17.86
CA LYS A 936 7.75 -2.46 -17.85
C LYS A 936 7.32 -2.30 -16.45
N VAL A 937 6.05 -1.98 -16.30
CA VAL A 937 5.50 -1.84 -15.01
C VAL A 937 5.66 -3.15 -14.29
N GLU A 938 6.23 -3.11 -13.08
CA GLU A 938 6.34 -4.29 -12.27
C GLU A 938 5.09 -4.28 -11.42
N LYS A 939 4.89 -5.29 -10.60
CA LYS A 939 3.65 -5.38 -9.81
C LYS A 939 3.40 -4.14 -8.97
N GLN A 940 4.43 -3.64 -8.29
CA GLN A 940 4.29 -2.45 -7.49
C GLN A 940 3.75 -1.26 -8.26
N VAL A 941 4.35 -0.96 -9.42
CA VAL A 941 3.92 0.19 -10.19
C VAL A 941 2.60 -0.05 -10.91
N TYR A 942 2.31 -1.29 -11.23
CA TYR A 942 1.03 -1.60 -11.86
C TYR A 942 -0.09 -1.55 -10.84
N GLN A 943 0.23 -1.78 -9.57
CA GLN A 943 -0.76 -1.69 -8.52
C GLN A 943 -1.06 -0.24 -8.28
N LYS A 944 -0.03 0.60 -8.30
CA LYS A 944 -0.25 2.02 -8.20
C LYS A 944 -1.05 2.53 -9.37
N PHE A 945 -0.81 2.03 -10.57
CA PHE A 945 -1.57 2.42 -11.74
C PHE A 945 -3.03 2.10 -11.57
N GLU A 946 -3.35 0.93 -11.06
CA GLU A 946 -4.74 0.54 -10.93
C GLU A 946 -5.42 1.33 -9.85
N LYS A 947 -4.69 1.69 -8.81
CA LYS A 947 -5.25 2.51 -7.75
C LYS A 947 -5.54 3.87 -8.34
N MET A 948 -4.58 4.45 -9.03
CA MET A 948 -4.77 5.74 -9.66
C MET A 948 -5.85 5.74 -10.70
N LEU A 949 -6.09 4.62 -11.34
CA LEU A 949 -7.16 4.52 -12.31
C LEU A 949 -8.50 4.46 -11.62
N ILE A 950 -8.60 3.76 -10.51
CA ILE A 950 -9.84 3.72 -9.75
C ILE A 950 -10.10 5.10 -9.24
N ASP A 951 -9.10 5.74 -8.67
CA ASP A 951 -9.25 7.06 -8.11
C ASP A 951 -9.65 8.09 -9.10
N LYS A 952 -9.13 8.01 -10.32
CA LYS A 952 -9.54 8.94 -11.34
C LYS A 952 -10.95 8.67 -11.79
N LEU A 953 -11.39 7.42 -11.77
CA LEU A 953 -12.70 7.11 -12.29
C LEU A 953 -13.75 7.24 -11.21
N ASN A 954 -13.35 7.74 -10.05
CA ASN A 954 -14.29 8.00 -8.97
C ASN A 954 -14.88 9.32 -9.35
N TYR A 955 -14.17 10.11 -10.13
CA TYR A 955 -14.69 11.37 -10.65
C TYR A 955 -13.87 11.64 -11.90
N MET A 956 -14.29 11.09 -13.03
CA MET A 956 -13.54 11.21 -14.27
C MET A 956 -13.92 12.44 -15.02
N VAL A 957 -12.99 13.37 -15.13
CA VAL A 957 -13.29 14.62 -15.79
C VAL A 957 -12.32 14.93 -16.91
N ASP A 958 -12.84 15.50 -17.99
CA ASP A 958 -12.00 15.92 -19.09
C ASP A 958 -11.79 17.40 -18.88
N LYS A 959 -10.53 17.83 -18.86
CA LYS A 959 -10.23 19.23 -18.62
C LYS A 959 -10.59 20.11 -19.79
N LYS A 960 -10.79 19.52 -20.96
CA LYS A 960 -11.08 20.30 -22.15
C LYS A 960 -12.53 20.18 -22.59
N SER A 961 -13.44 19.95 -21.65
CA SER A 961 -14.84 19.92 -21.98
C SER A 961 -15.56 21.03 -21.25
N ASN A 962 -16.79 21.33 -21.66
CA ASN A 962 -17.59 22.34 -20.98
C ASN A 962 -17.85 21.79 -19.61
N PRO A 963 -17.56 22.57 -18.55
CA PRO A 963 -17.69 22.00 -17.21
C PRO A 963 -19.08 21.49 -16.84
N CYS A 964 -20.12 22.00 -17.49
CA CYS A 964 -21.47 21.55 -17.21
C CYS A 964 -21.94 20.41 -18.10
N ALA A 965 -21.05 19.83 -18.88
CA ALA A 965 -21.40 18.69 -19.70
C ALA A 965 -20.95 17.41 -19.00
N THR A 966 -21.54 16.28 -19.38
CA THR A 966 -21.17 15.00 -18.78
C THR A 966 -19.71 14.71 -19.00
N GLY A 967 -18.96 14.51 -17.93
CA GLY A 967 -17.53 14.31 -18.06
C GLY A 967 -16.80 15.62 -17.92
N GLY A 968 -17.51 16.70 -17.65
CA GLY A 968 -16.88 17.98 -17.43
C GLY A 968 -16.67 18.13 -15.96
N ALA A 969 -15.91 19.12 -15.53
CA ALA A 969 -15.57 19.27 -14.12
C ALA A 969 -16.71 19.28 -13.12
N LEU A 970 -17.90 19.70 -13.51
CA LEU A 970 -19.02 19.73 -12.60
C LEU A 970 -19.94 18.55 -12.80
N LYS A 971 -19.77 17.78 -13.86
CA LYS A 971 -20.57 16.58 -14.05
C LYS A 971 -19.72 15.38 -14.40
N GLY A 972 -18.71 15.09 -13.60
CA GLY A 972 -17.82 13.99 -13.89
C GLY A 972 -18.39 12.60 -13.74
N TYR A 973 -17.70 11.61 -14.27
CA TYR A 973 -18.19 10.25 -14.25
C TYR A 973 -17.65 9.47 -13.07
N GLN A 974 -18.54 8.91 -12.27
CA GLN A 974 -18.11 8.09 -11.15
C GLN A 974 -18.37 6.68 -11.58
N ILE A 975 -17.40 6.05 -12.21
CA ILE A 975 -17.63 4.74 -12.78
C ILE A 975 -16.92 3.66 -12.02
N THR A 976 -16.24 4.02 -10.96
CA THR A 976 -15.63 3.02 -10.11
C THR A 976 -16.04 3.38 -8.70
N ASN A 977 -15.71 2.53 -7.75
CA ASN A 977 -16.04 2.78 -6.36
C ASN A 977 -14.76 3.12 -5.65
N LYS A 978 -14.83 3.68 -4.47
CA LYS A 978 -13.62 4.12 -3.79
C LYS A 978 -12.63 3.02 -3.49
N PHE A 979 -11.35 3.30 -3.59
CA PHE A 979 -10.32 2.31 -3.35
C PHE A 979 -10.32 1.91 -1.91
N GLU A 980 -10.26 0.61 -1.65
CA GLU A 980 -10.18 0.11 -0.30
C GLU A 980 -8.81 -0.44 -0.10
N SER A 981 -8.49 -1.49 -0.83
CA SER A 981 -7.19 -2.12 -0.68
C SER A 981 -6.72 -2.62 -2.01
N PHE A 982 -5.45 -3.02 -2.09
CA PHE A 982 -4.93 -3.58 -3.31
C PHE A 982 -5.49 -4.95 -3.51
N LYS A 983 -5.89 -5.61 -2.42
CA LYS A 983 -6.42 -6.95 -2.49
C LYS A 983 -7.88 -6.95 -2.82
N SER A 984 -8.51 -5.80 -2.70
CA SER A 984 -9.91 -5.67 -3.01
C SER A 984 -10.09 -5.40 -4.47
N MET A 985 -9.00 -5.34 -5.21
CA MET A 985 -9.08 -5.18 -6.64
C MET A 985 -8.99 -6.55 -7.23
N SER A 986 -10.08 -7.30 -7.22
CA SER A 986 -10.00 -8.67 -7.67
C SER A 986 -11.10 -9.15 -8.60
N THR A 987 -12.25 -8.50 -8.61
CA THR A 987 -13.29 -8.90 -9.53
C THR A 987 -13.76 -7.75 -10.37
N GLN A 988 -14.59 -6.89 -9.81
CA GLN A 988 -15.04 -5.73 -10.51
C GLN A 988 -14.90 -4.57 -9.55
N ASN A 989 -14.60 -3.38 -10.05
CA ASN A 989 -14.56 -2.20 -9.22
C ASN A 989 -15.54 -1.25 -9.81
N GLY A 990 -16.07 -1.61 -10.96
CA GLY A 990 -17.06 -0.78 -11.58
C GLY A 990 -16.97 -0.98 -13.07
N PHE A 991 -16.10 -0.23 -13.72
CA PHE A 991 -15.90 -0.43 -15.14
C PHE A 991 -14.65 -1.25 -15.25
N ILE A 992 -13.90 -1.33 -14.16
CA ILE A 992 -12.67 -2.10 -14.16
C ILE A 992 -12.92 -3.53 -13.75
N PHE A 993 -12.59 -4.46 -14.63
CA PHE A 993 -12.76 -5.86 -14.33
C PHE A 993 -11.36 -6.41 -14.22
N TYR A 994 -11.10 -7.12 -13.15
CA TYR A 994 -9.78 -7.66 -12.93
C TYR A 994 -9.86 -9.13 -13.26
N ILE A 995 -9.00 -9.57 -14.17
CA ILE A 995 -9.05 -10.94 -14.60
C ILE A 995 -7.71 -11.62 -14.45
N PRO A 996 -7.72 -12.93 -14.23
CA PRO A 996 -6.46 -13.64 -14.18
C PRO A 996 -5.78 -13.66 -15.55
N ALA A 997 -4.46 -13.56 -15.61
CA ALA A 997 -3.81 -13.50 -16.89
C ALA A 997 -3.07 -14.76 -17.28
N TRP A 998 -3.58 -15.91 -16.88
CA TRP A 998 -2.96 -17.15 -17.28
C TRP A 998 -3.43 -17.45 -18.68
N LEU A 999 -2.54 -17.94 -19.54
CA LEU A 999 -2.88 -18.31 -20.91
C LEU A 999 -3.46 -17.19 -21.76
N THR A 1000 -2.88 -16.01 -21.64
CA THR A 1000 -3.37 -14.86 -22.39
C THR A 1000 -2.33 -14.41 -23.39
N SER A 1001 -1.07 -14.75 -23.15
CA SER A 1001 -0.02 -14.31 -24.03
C SER A 1001 0.48 -15.43 -24.89
N LYS A 1002 0.77 -16.58 -24.28
CA LYS A 1002 1.31 -17.72 -25.01
C LYS A 1002 0.20 -18.62 -25.46
N ILE A 1003 -0.70 -18.09 -26.26
CA ILE A 1003 -1.82 -18.84 -26.73
C ILE A 1003 -1.84 -18.42 -28.19
N ASP A 1004 -2.47 -19.18 -29.06
CA ASP A 1004 -2.60 -18.76 -30.42
C ASP A 1004 -3.90 -18.03 -30.56
N PRO A 1005 -3.85 -16.79 -31.05
CA PRO A 1005 -5.06 -15.99 -31.16
C PRO A 1005 -6.07 -16.51 -32.15
N SER A 1006 -5.65 -17.35 -33.10
CA SER A 1006 -6.54 -17.82 -34.15
C SER A 1006 -7.04 -19.24 -34.00
N THR A 1007 -6.41 -20.02 -33.12
CA THR A 1007 -6.83 -21.39 -32.89
C THR A 1007 -7.18 -21.62 -31.44
N GLY A 1008 -6.50 -20.93 -30.54
CA GLY A 1008 -6.74 -21.10 -29.14
C GLY A 1008 -5.76 -22.09 -28.56
N PHE A 1009 -4.86 -22.57 -29.39
CA PHE A 1009 -3.90 -23.55 -28.95
C PHE A 1009 -2.95 -23.07 -27.88
N VAL A 1010 -2.75 -23.88 -26.86
CA VAL A 1010 -1.80 -23.58 -25.83
C VAL A 1010 -0.98 -24.83 -25.68
N ASN A 1011 0.29 -24.69 -25.37
CA ASN A 1011 1.10 -25.86 -25.14
C ASN A 1011 0.90 -26.34 -23.71
N LEU A 1012 0.21 -27.47 -23.56
CA LEU A 1012 0.01 -28.03 -22.24
C LEU A 1012 0.90 -29.23 -22.09
N LEU A 1013 1.87 -29.39 -23.00
CA LEU A 1013 2.82 -30.50 -22.94
C LEU A 1013 4.06 -30.12 -22.18
N LYS A 1014 4.68 -31.07 -21.51
CA LYS A 1014 5.94 -30.81 -20.82
C LYS A 1014 7.03 -31.47 -21.63
N THR A 1015 7.65 -30.72 -22.53
CA THR A 1015 8.63 -31.29 -23.42
C THR A 1015 10.06 -31.23 -22.93
N LYS A 1016 10.24 -31.03 -21.63
CA LYS A 1016 11.58 -31.01 -21.07
C LYS A 1016 12.07 -32.44 -20.95
N TYR A 1017 13.22 -32.73 -21.54
CA TYR A 1017 13.77 -34.08 -21.53
C TYR A 1017 13.99 -34.58 -20.12
N THR A 1018 13.46 -35.76 -19.82
CA THR A 1018 13.67 -36.34 -18.51
C THR A 1018 14.52 -37.58 -18.64
N SER A 1019 14.01 -38.56 -19.37
CA SER A 1019 14.75 -39.79 -19.56
C SER A 1019 14.46 -40.38 -20.91
N ILE A 1020 15.25 -41.35 -21.35
CA ILE A 1020 15.00 -42.02 -22.62
C ILE A 1020 13.62 -42.66 -22.58
N ALA A 1021 13.29 -43.32 -21.48
CA ALA A 1021 12.01 -43.97 -21.33
C ALA A 1021 10.86 -42.99 -21.35
N ASP A 1022 11.03 -41.84 -20.70
CA ASP A 1022 9.99 -40.83 -20.68
C ASP A 1022 9.83 -40.21 -22.05
N SER A 1023 10.91 -40.14 -22.81
CA SER A 1023 10.84 -39.59 -24.14
C SER A 1023 10.16 -40.57 -25.08
N LYS A 1024 10.33 -41.86 -24.83
CA LYS A 1024 9.68 -42.86 -25.65
C LYS A 1024 8.22 -42.85 -25.30
N LYS A 1025 7.91 -42.62 -24.04
CA LYS A 1025 6.53 -42.55 -23.62
C LYS A 1025 5.92 -41.36 -24.31
N PHE A 1026 6.61 -40.24 -24.33
CA PHE A 1026 6.14 -39.05 -25.02
C PHE A 1026 5.87 -39.31 -26.49
N ILE A 1027 6.84 -39.88 -27.20
CA ILE A 1027 6.69 -40.13 -28.63
C ILE A 1027 5.51 -41.05 -28.90
N SER A 1028 5.39 -42.12 -28.13
CA SER A 1028 4.32 -43.08 -28.37
C SER A 1028 2.98 -42.59 -27.86
N SER A 1029 2.96 -41.50 -27.10
CA SER A 1029 1.71 -40.93 -26.65
C SER A 1029 1.14 -40.05 -27.74
N PHE A 1030 1.91 -39.82 -28.79
CA PHE A 1030 1.39 -39.06 -29.93
C PHE A 1030 0.59 -40.03 -30.76
N ASP A 1031 -0.34 -39.52 -31.56
CA ASP A 1031 -1.15 -40.38 -32.38
C ASP A 1031 -0.38 -40.79 -33.61
N ARG A 1032 0.49 -39.92 -34.09
CA ARG A 1032 1.27 -40.18 -35.29
C ARG A 1032 2.33 -39.13 -35.40
N ILE A 1033 3.57 -39.52 -35.68
CA ILE A 1033 4.62 -38.55 -35.92
C ILE A 1033 5.08 -38.96 -37.29
N MET A 1034 4.74 -38.18 -38.29
CA MET A 1034 5.11 -38.51 -39.65
C MET A 1034 5.82 -37.36 -40.31
N TYR A 1035 6.01 -37.43 -41.62
CA TYR A 1035 6.59 -36.33 -42.35
C TYR A 1035 5.71 -36.15 -43.56
N VAL A 1036 5.06 -35.00 -43.67
CA VAL A 1036 4.25 -34.73 -44.83
C VAL A 1036 5.20 -34.18 -45.84
N PRO A 1037 5.36 -34.87 -46.98
CA PRO A 1037 6.37 -34.42 -47.92
C PRO A 1037 5.91 -33.31 -48.86
N GLU A 1038 4.61 -33.23 -49.10
CA GLU A 1038 4.10 -32.20 -49.99
C GLU A 1038 4.38 -30.82 -49.45
N GLU A 1039 4.05 -30.59 -48.18
CA GLU A 1039 4.25 -29.28 -47.58
C GLU A 1039 5.59 -29.18 -46.91
N ASP A 1040 6.36 -30.26 -46.93
CA ASP A 1040 7.68 -30.29 -46.30
C ASP A 1040 7.57 -29.90 -44.85
N LEU A 1041 6.68 -30.57 -44.12
CA LEU A 1041 6.48 -30.27 -42.73
C LEU A 1041 6.27 -31.56 -41.99
N PHE A 1042 7.03 -31.80 -40.92
CA PHE A 1042 6.78 -32.97 -40.11
C PHE A 1042 5.50 -32.70 -39.32
N GLU A 1043 4.51 -33.59 -39.40
CA GLU A 1043 3.25 -33.42 -38.69
C GLU A 1043 3.16 -34.33 -37.48
N PHE A 1044 2.87 -33.75 -36.32
CA PHE A 1044 2.81 -34.51 -35.10
C PHE A 1044 1.40 -34.49 -34.58
N ALA A 1045 0.58 -35.45 -34.98
CA ALA A 1045 -0.81 -35.51 -34.54
C ALA A 1045 -0.88 -35.86 -33.08
N LEU A 1046 -1.72 -35.16 -32.33
CA LEU A 1046 -1.75 -35.36 -30.90
C LEU A 1046 -3.11 -35.38 -30.28
N ASP A 1047 -3.31 -36.23 -29.28
CA ASP A 1047 -4.56 -36.16 -28.53
C ASP A 1047 -4.03 -35.77 -27.19
N TYR A 1048 -4.54 -34.68 -26.66
CA TYR A 1048 -4.05 -34.19 -25.40
C TYR A 1048 -4.47 -35.12 -24.31
N LYS A 1049 -5.60 -35.80 -24.49
CA LYS A 1049 -6.07 -36.79 -23.52
C LYS A 1049 -5.06 -37.88 -23.21
N ASN A 1050 -4.12 -38.15 -24.11
CA ASN A 1050 -3.07 -39.13 -23.85
C ASN A 1050 -1.92 -38.58 -23.06
N PHE A 1051 -2.05 -37.38 -22.54
CA PHE A 1051 -0.97 -36.73 -21.83
C PHE A 1051 -1.52 -36.23 -20.51
N SER A 1052 -0.65 -35.87 -19.56
CA SER A 1052 -1.11 -35.45 -18.25
C SER A 1052 -1.49 -33.97 -18.12
N ARG A 1053 -2.13 -33.59 -17.01
CA ARG A 1053 -2.51 -32.20 -16.75
C ARG A 1053 -2.89 -31.40 -17.98
N THR A 1054 -3.92 -31.84 -18.68
CA THR A 1054 -4.31 -31.19 -19.91
C THR A 1054 -5.81 -31.07 -19.92
N ASP A 1055 -6.41 -31.14 -18.75
CA ASP A 1055 -7.86 -31.10 -18.63
C ASP A 1055 -8.51 -29.83 -19.11
N ALA A 1056 -7.76 -28.74 -19.12
CA ALA A 1056 -8.29 -27.45 -19.53
C ALA A 1056 -8.60 -27.37 -21.01
N ASP A 1057 -7.96 -28.18 -21.83
CA ASP A 1057 -8.15 -28.10 -23.27
C ASP A 1057 -9.52 -28.55 -23.71
N TYR A 1058 -10.02 -27.94 -24.75
CA TYR A 1058 -11.34 -28.27 -25.23
C TYR A 1058 -11.30 -29.12 -26.50
N ILE A 1059 -10.42 -28.80 -27.42
CA ILE A 1059 -10.41 -29.51 -28.69
C ILE A 1059 -9.68 -30.82 -28.51
N LYS A 1060 -8.60 -30.81 -27.74
CA LYS A 1060 -7.80 -32.02 -27.46
C LYS A 1060 -7.06 -32.62 -28.63
N LYS A 1061 -7.61 -32.54 -29.84
CA LYS A 1061 -7.00 -33.11 -31.01
C LYS A 1061 -6.37 -32.03 -31.84
N TRP A 1062 -5.05 -32.01 -31.88
CA TRP A 1062 -4.33 -30.98 -32.62
C TRP A 1062 -3.18 -31.60 -33.36
N LYS A 1063 -3.05 -31.28 -34.65
CA LYS A 1063 -1.88 -31.75 -35.37
C LYS A 1063 -0.90 -30.60 -35.41
N LEU A 1064 0.25 -30.79 -34.79
CA LEU A 1064 1.27 -29.78 -34.81
C LEU A 1064 2.10 -29.98 -36.05
N TYR A 1065 2.74 -28.94 -36.55
CA TYR A 1065 3.55 -29.03 -37.74
C TYR A 1065 4.80 -28.26 -37.49
N SER A 1066 5.91 -28.68 -38.09
CA SER A 1066 7.20 -28.02 -37.89
C SER A 1066 7.35 -26.82 -38.78
N TYR A 1067 6.48 -25.84 -38.62
CA TYR A 1067 6.49 -24.69 -39.51
C TYR A 1067 7.34 -23.53 -39.08
N GLY A 1068 8.20 -23.08 -39.97
CA GLY A 1068 8.95 -21.89 -39.69
C GLY A 1068 10.07 -21.91 -38.71
N ASN A 1069 10.52 -20.74 -38.28
CA ASN A 1069 11.70 -20.69 -37.41
C ASN A 1069 11.48 -20.36 -35.96
N ARG A 1070 12.36 -20.86 -35.10
CA ARG A 1070 12.28 -20.57 -33.66
C ARG A 1070 13.61 -20.06 -33.18
N ILE A 1071 13.60 -19.05 -32.32
CA ILE A 1071 14.83 -18.56 -31.77
C ILE A 1071 15.19 -19.40 -30.57
N ARG A 1072 16.24 -20.19 -30.68
CA ARG A 1072 16.69 -20.97 -29.56
C ARG A 1072 17.54 -20.09 -28.69
N ILE A 1073 16.97 -19.62 -27.59
CA ILE A 1073 17.74 -18.81 -26.66
C ILE A 1073 18.53 -19.74 -25.77
N PHE A 1074 19.81 -19.90 -26.08
CA PHE A 1074 20.66 -20.77 -25.28
C PHE A 1074 21.65 -19.99 -24.43
N TRP A 1085 21.60 -17.00 -29.02
CA TRP A 1085 20.41 -17.13 -29.84
C TRP A 1085 20.71 -17.71 -31.21
N GLU A 1086 19.78 -18.48 -31.76
CA GLU A 1086 19.95 -18.99 -33.12
C GLU A 1086 18.59 -19.20 -33.74
N GLU A 1087 18.42 -18.81 -34.99
CA GLU A 1087 17.16 -19.04 -35.67
C GLU A 1087 17.13 -20.41 -36.26
N VAL A 1088 16.61 -21.37 -35.50
CA VAL A 1088 16.53 -22.74 -35.97
C VAL A 1088 15.31 -22.98 -36.83
N CYS A 1089 15.51 -23.44 -38.05
CA CYS A 1089 14.37 -23.83 -38.87
C CYS A 1089 14.05 -25.20 -38.35
N LEU A 1090 12.79 -25.46 -38.07
CA LEU A 1090 12.46 -26.73 -37.45
C LEU A 1090 12.50 -27.93 -38.38
N THR A 1091 11.89 -27.83 -39.56
CA THR A 1091 11.89 -28.94 -40.50
C THR A 1091 13.32 -29.37 -40.77
N SER A 1092 14.18 -28.44 -41.12
CA SER A 1092 15.58 -28.75 -41.40
C SER A 1092 16.26 -29.47 -40.27
N ALA A 1093 16.08 -29.01 -39.04
CA ALA A 1093 16.79 -29.64 -37.93
C ALA A 1093 16.20 -30.96 -37.52
N TYR A 1094 14.93 -31.18 -37.80
CA TYR A 1094 14.32 -32.46 -37.51
C TYR A 1094 14.96 -33.40 -38.49
N LYS A 1095 14.98 -33.04 -39.76
CA LYS A 1095 15.60 -33.86 -40.78
C LYS A 1095 17.02 -34.15 -40.41
N GLU A 1096 17.74 -33.15 -39.93
CA GLU A 1096 19.12 -33.34 -39.61
C GLU A 1096 19.34 -34.27 -38.46
N LEU A 1097 18.44 -34.29 -37.48
CA LEU A 1097 18.59 -35.17 -36.33
C LEU A 1097 18.26 -36.56 -36.77
N PHE A 1098 17.33 -36.67 -37.69
CA PHE A 1098 16.92 -37.97 -38.13
C PHE A 1098 18.01 -38.51 -39.03
N ASN A 1099 18.56 -37.67 -39.88
CA ASN A 1099 19.63 -38.10 -40.75
C ASN A 1099 20.87 -38.40 -39.94
N LYS A 1100 21.06 -37.72 -38.82
CA LYS A 1100 22.19 -38.01 -37.97
C LYS A 1100 22.07 -39.39 -37.37
N TYR A 1101 20.85 -39.80 -37.07
CA TYR A 1101 20.66 -41.10 -36.42
C TYR A 1101 20.15 -42.15 -37.37
N GLY A 1102 20.14 -41.83 -38.67
CA GLY A 1102 19.74 -42.80 -39.66
C GLY A 1102 18.33 -43.26 -39.51
N ILE A 1103 17.40 -42.31 -39.44
CA ILE A 1103 15.99 -42.67 -39.36
C ILE A 1103 15.35 -42.24 -40.65
N ASN A 1104 14.70 -43.15 -41.35
CA ASN A 1104 14.00 -42.78 -42.56
C ASN A 1104 12.71 -42.12 -42.17
N TYR A 1105 12.64 -40.80 -42.36
CA TYR A 1105 11.45 -40.07 -41.95
C TYR A 1105 10.34 -40.14 -42.96
N GLN A 1106 10.63 -40.66 -44.14
CA GLN A 1106 9.64 -40.72 -45.18
C GLN A 1106 8.89 -42.04 -45.16
N GLN A 1107 9.01 -42.79 -44.07
CA GLN A 1107 8.37 -44.09 -43.98
C GLN A 1107 7.04 -44.09 -43.24
N GLY A 1108 6.18 -43.14 -43.53
CA GLY A 1108 4.91 -43.03 -42.82
C GLY A 1108 5.12 -42.75 -41.35
N ASP A 1109 4.21 -43.22 -40.52
CA ASP A 1109 4.35 -43.02 -39.08
C ASP A 1109 5.73 -43.46 -38.64
N ILE A 1110 6.49 -42.55 -38.09
CA ILE A 1110 7.86 -42.85 -37.71
C ILE A 1110 7.99 -42.99 -36.20
N ARG A 1111 6.86 -42.97 -35.50
CA ARG A 1111 6.88 -43.06 -34.05
C ARG A 1111 7.64 -44.24 -33.50
N ALA A 1112 7.39 -45.42 -34.07
CA ALA A 1112 8.09 -46.62 -33.64
C ALA A 1112 9.58 -46.57 -33.94
N LEU A 1113 9.97 -46.03 -35.08
CA LEU A 1113 11.38 -45.91 -35.42
C LEU A 1113 12.10 -44.93 -34.50
N LEU A 1114 11.40 -43.92 -34.02
CA LEU A 1114 12.00 -42.96 -33.12
C LEU A 1114 12.16 -43.65 -31.80
N CYS A 1115 11.20 -44.51 -31.46
CA CYS A 1115 11.30 -45.27 -30.23
C CYS A 1115 12.28 -46.43 -30.36
N GLU A 1116 12.75 -46.73 -31.57
CA GLU A 1116 13.70 -47.81 -31.80
C GLU A 1116 15.11 -47.32 -31.59
N GLN A 1117 15.28 -46.01 -31.43
CA GLN A 1117 16.59 -45.46 -31.15
C GLN A 1117 16.93 -45.68 -29.68
N SER A 1118 18.13 -45.35 -29.26
CA SER A 1118 18.52 -45.64 -27.89
C SER A 1118 19.43 -44.59 -27.27
N ASP A 1119 20.15 -43.86 -28.10
CA ASP A 1119 21.03 -42.81 -27.61
C ASP A 1119 20.26 -41.71 -26.93
N LYS A 1120 20.66 -41.37 -25.70
CA LYS A 1120 19.97 -40.32 -24.95
C LYS A 1120 20.01 -38.98 -25.64
N ALA A 1121 21.04 -38.77 -26.47
CA ALA A 1121 21.16 -37.51 -27.17
C ALA A 1121 20.12 -37.35 -28.26
N PHE A 1122 19.75 -38.44 -28.94
CA PHE A 1122 18.69 -38.31 -29.93
C PHE A 1122 17.45 -37.87 -29.20
N TYR A 1123 17.19 -38.52 -28.07
CA TYR A 1123 15.97 -38.22 -27.35
C TYR A 1123 15.97 -36.79 -26.84
N SER A 1124 17.10 -36.33 -26.31
CA SER A 1124 17.19 -34.96 -25.83
C SER A 1124 17.03 -33.92 -26.94
N SER A 1125 17.50 -34.20 -28.13
CA SER A 1125 17.41 -33.24 -29.20
C SER A 1125 16.07 -33.29 -29.88
N PHE A 1126 15.41 -34.44 -29.83
CA PHE A 1126 14.05 -34.50 -30.37
C PHE A 1126 13.23 -33.71 -29.39
N MET A 1127 13.55 -33.83 -28.11
CA MET A 1127 12.82 -33.13 -27.07
C MET A 1127 13.03 -31.63 -27.13
N ALA A 1128 14.20 -31.19 -27.54
CA ALA A 1128 14.48 -29.77 -27.64
C ALA A 1128 13.85 -29.17 -28.88
N LEU A 1129 13.78 -29.93 -29.95
CA LEU A 1129 13.11 -29.45 -31.14
C LEU A 1129 11.63 -29.45 -30.89
N MET A 1130 11.18 -30.33 -29.99
CA MET A 1130 9.78 -30.39 -29.64
C MET A 1130 9.46 -29.15 -28.84
N SER A 1131 10.31 -28.85 -27.87
CA SER A 1131 10.14 -27.65 -27.08
C SER A 1131 10.08 -26.41 -27.94
N LEU A 1132 10.99 -26.30 -28.89
CA LEU A 1132 11.04 -25.15 -29.77
C LEU A 1132 9.84 -25.05 -30.64
N MET A 1133 9.42 -26.15 -31.24
CA MET A 1133 8.22 -26.13 -32.05
C MET A 1133 7.05 -25.57 -31.29
N LEU A 1134 6.93 -25.93 -30.02
CA LEU A 1134 5.82 -25.47 -29.21
C LEU A 1134 6.01 -24.07 -28.64
N GLN A 1135 7.20 -23.49 -28.81
CA GLN A 1135 7.44 -22.11 -28.41
C GLN A 1135 6.73 -21.23 -29.41
N MET A 1136 5.74 -20.48 -28.97
CA MET A 1136 5.08 -19.59 -29.85
C MET A 1136 5.79 -18.28 -29.78
N ARG A 1137 6.10 -17.83 -28.57
CA ARG A 1137 6.77 -16.55 -28.39
C ARG A 1137 8.24 -16.67 -28.60
N ASN A 1138 8.74 -16.09 -29.68
CA ASN A 1138 10.14 -16.19 -30.00
C ASN A 1138 10.77 -14.82 -30.07
N SER A 1139 11.62 -14.50 -29.10
CA SER A 1139 12.20 -13.17 -29.05
C SER A 1139 13.68 -13.14 -28.68
N ILE A 1140 14.49 -12.42 -29.45
CA ILE A 1140 15.90 -12.29 -29.13
C ILE A 1140 16.11 -11.26 -28.05
N THR A 1141 16.75 -11.64 -26.96
CA THR A 1141 17.04 -10.70 -25.89
C THR A 1141 18.14 -9.75 -26.34
N GLY A 1142 17.77 -8.52 -26.68
CA GLY A 1142 18.74 -7.58 -27.19
C GLY A 1142 18.16 -6.98 -28.44
N ARG A 1143 18.33 -7.66 -29.57
CA ARG A 1143 17.73 -7.19 -30.82
C ARG A 1143 16.22 -7.12 -30.67
N THR A 1144 15.69 -5.91 -30.58
CA THR A 1144 14.25 -5.76 -30.36
C THR A 1144 13.48 -5.91 -31.64
N ASP A 1145 14.16 -5.75 -32.76
CA ASP A 1145 13.51 -5.93 -34.05
C ASP A 1145 12.89 -7.32 -34.15
N VAL A 1146 13.58 -8.33 -33.64
CA VAL A 1146 13.06 -9.69 -33.70
C VAL A 1146 12.25 -10.14 -32.49
N ASP A 1147 10.93 -10.14 -32.61
CA ASP A 1147 10.07 -10.61 -31.53
C ASP A 1147 8.78 -10.98 -32.24
N PHE A 1148 8.36 -12.23 -32.12
CA PHE A 1148 7.15 -12.68 -32.80
C PHE A 1148 6.44 -13.80 -32.12
N LEU A 1149 5.25 -14.13 -32.60
CA LEU A 1149 4.50 -15.22 -32.06
C LEU A 1149 4.14 -16.11 -33.23
N ILE A 1150 4.49 -17.39 -33.17
CA ILE A 1150 4.24 -18.32 -34.29
C ILE A 1150 3.50 -19.59 -33.88
N SER A 1151 2.41 -19.92 -34.57
CA SER A 1151 1.63 -21.12 -34.24
C SER A 1151 2.15 -22.41 -34.82
N PRO A 1152 2.15 -23.51 -34.03
CA PRO A 1152 2.53 -24.82 -34.57
C PRO A 1152 1.35 -25.46 -35.26
N VAL A 1153 0.15 -24.99 -35.02
CA VAL A 1153 -1.04 -25.58 -35.56
C VAL A 1153 -1.67 -24.68 -36.58
N LYS A 1154 -2.28 -25.26 -37.60
CA LYS A 1154 -2.95 -24.48 -38.61
C LYS A 1154 -4.40 -24.27 -38.26
N ASN A 1155 -5.00 -23.23 -38.84
CA ASN A 1155 -6.39 -22.96 -38.57
C ASN A 1155 -7.32 -23.66 -39.53
N SER A 1156 -8.57 -23.23 -39.57
CA SER A 1156 -9.54 -23.84 -40.46
C SER A 1156 -9.19 -23.66 -41.92
N ASP A 1157 -8.56 -22.53 -42.26
CA ASP A 1157 -8.17 -22.27 -43.63
C ASP A 1157 -6.78 -22.80 -43.94
N GLY A 1158 -6.14 -23.43 -42.97
CA GLY A 1158 -4.84 -24.03 -43.22
C GLY A 1158 -3.67 -23.10 -43.13
N ILE A 1159 -3.76 -22.08 -42.27
CA ILE A 1159 -2.67 -21.15 -42.11
C ILE A 1159 -2.13 -21.17 -40.71
N PHE A 1160 -0.84 -20.98 -40.55
CA PHE A 1160 -0.26 -20.89 -39.24
C PHE A 1160 -0.17 -19.41 -38.97
N TYR A 1161 -0.47 -19.00 -37.76
CA TYR A 1161 -0.39 -17.61 -37.40
C TYR A 1161 1.03 -17.16 -37.20
N ASP A 1162 1.37 -16.00 -37.73
CA ASP A 1162 2.66 -15.43 -37.44
C ASP A 1162 2.31 -14.01 -37.11
N SER A 1163 2.87 -13.48 -36.03
CA SER A 1163 2.62 -12.11 -35.63
C SER A 1163 3.31 -11.22 -36.59
N ARG A 1164 4.34 -11.73 -37.25
CA ARG A 1164 5.09 -10.98 -38.21
C ARG A 1164 4.30 -10.68 -39.45
N ASN A 1165 3.21 -11.37 -39.67
CA ASN A 1165 2.37 -11.11 -40.82
C ASN A 1165 1.30 -10.14 -40.46
N TYR A 1166 1.42 -9.49 -39.30
CA TYR A 1166 0.39 -8.60 -38.84
C TYR A 1166 0.95 -7.29 -38.40
N GLU A 1167 2.22 -7.28 -38.00
CA GLU A 1167 2.84 -6.07 -37.52
C GLU A 1167 2.92 -4.97 -38.56
N ALA A 1168 2.98 -5.32 -39.84
CA ALA A 1168 3.00 -4.32 -40.89
C ALA A 1168 1.60 -3.81 -41.18
N GLN A 1169 0.63 -4.73 -41.24
CA GLN A 1169 -0.75 -4.34 -41.48
C GLN A 1169 -1.13 -3.29 -40.49
N GLU A 1170 -1.71 -2.20 -40.96
CA GLU A 1170 -2.06 -1.11 -40.08
C GLU A 1170 -3.26 -1.47 -39.25
N ASN A 1171 -4.26 -2.07 -39.87
CA ASN A 1171 -5.45 -2.48 -39.15
C ASN A 1171 -5.47 -3.99 -39.11
N ALA A 1172 -4.58 -4.58 -38.32
CA ALA A 1172 -4.52 -6.01 -38.21
C ALA A 1172 -5.75 -6.55 -37.51
N ILE A 1173 -6.16 -7.76 -37.88
CA ILE A 1173 -7.36 -8.36 -37.29
C ILE A 1173 -6.96 -9.30 -36.20
N LEU A 1174 -5.68 -9.61 -36.12
CA LEU A 1174 -5.19 -10.50 -35.10
C LEU A 1174 -4.08 -9.74 -34.43
N PRO A 1175 -3.66 -10.17 -33.25
CA PRO A 1175 -2.53 -9.51 -32.61
C PRO A 1175 -1.31 -9.28 -33.49
N LYS A 1176 -0.65 -8.14 -33.33
CA LYS A 1176 0.50 -7.80 -34.16
C LYS A 1176 1.77 -8.26 -33.55
N ASN A 1177 1.75 -8.52 -32.26
CA ASN A 1177 2.92 -8.97 -31.55
C ASN A 1177 2.46 -9.81 -30.40
N ALA A 1178 3.37 -10.20 -29.53
CA ALA A 1178 3.03 -11.02 -28.40
C ALA A 1178 2.42 -10.21 -27.29
N ASP A 1179 2.82 -8.95 -27.16
CA ASP A 1179 2.26 -8.07 -26.15
C ASP A 1179 0.84 -7.67 -26.53
N ALA A 1180 0.56 -7.62 -27.82
CA ALA A 1180 -0.81 -7.36 -28.26
C ALA A 1180 -1.69 -8.54 -27.95
N ASN A 1181 -1.14 -9.74 -28.01
CA ASN A 1181 -1.88 -10.93 -27.68
C ASN A 1181 -2.31 -10.92 -26.24
N GLY A 1182 -1.41 -10.56 -25.33
CA GLY A 1182 -1.78 -10.45 -23.95
C GLY A 1182 -2.99 -9.57 -23.73
N ALA A 1183 -2.94 -8.33 -24.20
CA ALA A 1183 -4.03 -7.39 -24.04
C ALA A 1183 -5.30 -7.81 -24.72
N TYR A 1184 -5.19 -8.52 -25.82
CA TYR A 1184 -6.34 -9.00 -26.57
C TYR A 1184 -7.04 -10.03 -25.78
N ASN A 1185 -6.28 -10.92 -25.18
CA ASN A 1185 -6.87 -12.01 -24.47
C ASN A 1185 -7.28 -11.63 -23.08
N ILE A 1186 -6.76 -10.54 -22.55
CA ILE A 1186 -7.19 -10.04 -21.27
C ILE A 1186 -8.58 -9.48 -21.49
N ALA A 1187 -8.81 -8.85 -22.63
CA ALA A 1187 -10.10 -8.28 -22.95
C ALA A 1187 -11.11 -9.32 -23.38
N ARG A 1188 -10.64 -10.52 -23.75
CA ARG A 1188 -11.55 -11.55 -24.24
C ARG A 1188 -12.00 -12.37 -23.07
N LYS A 1189 -11.26 -12.32 -21.98
CA LYS A 1189 -11.69 -12.98 -20.77
C LYS A 1189 -12.85 -12.20 -20.13
N VAL A 1190 -12.89 -10.89 -20.36
CA VAL A 1190 -13.99 -10.08 -19.87
C VAL A 1190 -15.14 -10.22 -20.83
N LEU A 1191 -14.87 -10.45 -22.10
CA LEU A 1191 -15.95 -10.69 -23.03
C LEU A 1191 -16.67 -11.98 -22.69
N TRP A 1192 -15.96 -12.95 -22.15
CA TRP A 1192 -16.59 -14.18 -21.69
C TRP A 1192 -17.53 -13.82 -20.57
N ALA A 1193 -17.06 -13.05 -19.59
CA ALA A 1193 -17.90 -12.61 -18.47
C ALA A 1193 -19.13 -11.84 -18.90
N ILE A 1194 -19.04 -11.02 -19.93
CA ILE A 1194 -20.21 -10.31 -20.43
C ILE A 1194 -21.22 -11.28 -21.02
N GLY A 1195 -20.76 -12.37 -21.62
CA GLY A 1195 -21.65 -13.40 -22.13
C GLY A 1195 -22.27 -14.17 -21.00
N GLN A 1196 -21.54 -14.34 -19.90
CA GLN A 1196 -22.11 -14.97 -18.73
C GLN A 1196 -23.24 -14.12 -18.16
N PHE A 1197 -23.05 -12.81 -18.11
CA PHE A 1197 -24.09 -11.91 -17.65
C PHE A 1197 -25.24 -12.02 -18.59
N LYS A 1198 -24.97 -12.08 -19.88
CA LYS A 1198 -26.03 -12.10 -20.88
C LYS A 1198 -26.92 -13.31 -20.80
N LYS A 1199 -26.45 -14.36 -20.15
CA LYS A 1199 -27.20 -15.59 -20.06
C LYS A 1199 -28.06 -15.59 -18.80
N ALA A 1200 -27.72 -14.75 -17.84
CA ALA A 1200 -28.43 -14.76 -16.57
C ALA A 1200 -29.52 -13.73 -16.50
N GLU A 1201 -30.36 -13.84 -15.48
CA GLU A 1201 -31.43 -12.89 -15.31
C GLU A 1201 -30.91 -11.70 -14.53
N ASP A 1202 -31.50 -10.53 -14.75
CA ASP A 1202 -31.00 -9.31 -14.12
C ASP A 1202 -30.94 -9.29 -12.61
N GLU A 1203 -31.75 -10.10 -11.95
CA GLU A 1203 -31.76 -10.16 -10.50
C GLU A 1203 -30.55 -10.89 -9.96
N LYS A 1204 -30.01 -11.80 -10.75
CA LYS A 1204 -28.90 -12.60 -10.26
C LYS A 1204 -27.62 -12.27 -10.98
N LEU A 1205 -27.56 -11.10 -11.61
CA LEU A 1205 -26.37 -10.68 -12.34
C LEU A 1205 -25.25 -10.41 -11.38
N ASP A 1206 -25.57 -10.08 -10.15
CA ASP A 1206 -24.57 -9.77 -9.16
C ASP A 1206 -24.00 -11.02 -8.58
N LYS A 1207 -24.62 -12.16 -8.89
CA LYS A 1207 -24.14 -13.42 -8.37
C LYS A 1207 -23.32 -14.14 -9.42
N VAL A 1208 -23.42 -13.69 -10.67
CA VAL A 1208 -22.64 -14.29 -11.75
C VAL A 1208 -21.16 -14.26 -11.44
N LYS A 1209 -20.52 -15.42 -11.41
CA LYS A 1209 -19.09 -15.48 -11.17
C LYS A 1209 -18.37 -15.05 -12.43
N ILE A 1210 -17.47 -14.09 -12.31
CA ILE A 1210 -16.79 -13.57 -13.47
C ILE A 1210 -15.39 -14.13 -13.54
N ALA A 1211 -15.03 -14.96 -12.58
CA ALA A 1211 -13.74 -15.59 -12.61
C ALA A 1211 -13.73 -16.68 -13.67
N ILE A 1212 -12.81 -16.59 -14.60
CA ILE A 1212 -12.71 -17.58 -15.64
C ILE A 1212 -11.78 -18.66 -15.16
N SER A 1213 -12.04 -19.89 -15.55
CA SER A 1213 -11.12 -20.96 -15.20
C SER A 1213 -10.34 -21.17 -16.45
N ASN A 1214 -9.24 -21.88 -16.36
CA ASN A 1214 -8.48 -22.18 -17.55
C ASN A 1214 -9.28 -23.05 -18.50
N LYS A 1215 -10.18 -23.87 -17.99
CA LYS A 1215 -11.03 -24.70 -18.82
C LYS A 1215 -12.02 -23.91 -19.62
N GLU A 1216 -12.68 -22.96 -18.98
CA GLU A 1216 -13.69 -22.15 -19.66
C GLU A 1216 -13.03 -21.17 -20.57
N TRP A 1217 -11.83 -20.74 -20.21
CA TRP A 1217 -11.09 -19.86 -21.08
C TRP A 1217 -10.70 -20.57 -22.32
N LEU A 1218 -10.10 -21.74 -22.18
CA LEU A 1218 -9.63 -22.47 -23.34
C LEU A 1218 -10.79 -22.89 -24.20
N GLU A 1219 -11.96 -23.15 -23.63
CA GLU A 1219 -13.11 -23.44 -24.45
C GLU A 1219 -13.47 -22.21 -25.23
N TYR A 1220 -13.60 -21.08 -24.55
CA TYR A 1220 -13.92 -19.82 -25.23
C TYR A 1220 -12.90 -19.56 -26.32
N ALA A 1221 -11.62 -19.56 -25.98
CA ALA A 1221 -10.57 -19.32 -26.95
C ALA A 1221 -10.61 -20.31 -28.10
N GLN A 1222 -10.68 -21.60 -27.82
CA GLN A 1222 -10.66 -22.61 -28.85
C GLN A 1222 -11.94 -22.80 -29.66
N THR A 1223 -13.03 -22.14 -29.26
CA THR A 1223 -14.28 -22.27 -29.98
C THR A 1223 -14.90 -20.95 -30.41
N SER A 1224 -14.23 -19.84 -30.19
CA SER A 1224 -14.75 -18.57 -30.67
C SER A 1224 -14.10 -18.40 -32.01
N VAL A 1225 -12.94 -19.00 -32.17
CA VAL A 1225 -12.23 -18.92 -33.42
C VAL A 1225 -12.69 -20.03 -34.34
#